data_2E51
#
_entry.id   2E51
#
_cell.length_a   157.665
_cell.length_b   91.112
_cell.length_c   73.617
_cell.angle_alpha   90.00
_cell.angle_beta   90.00
_cell.angle_gamma   90.00
#
_symmetry.space_group_name_H-M   'P 21 21 2'
#
loop_
_entity.id
_entity.type
_entity.pdbx_description
1 polymer 'Basic agglutinin'
2 branched 2-acetamido-2-deoxy-alpha-D-galactopyranose-(1-3)-alpha-D-galactopyranose
3 branched alpha-L-fucopyranose-(1-3)-[2-acetamido-2-deoxy-beta-D-glucopyranose-(1-4)]2-acetamido-2-deoxy-beta-D-glucopyranose
4 branched beta-D-mannopyranose-(1-4)-2-acetamido-2-deoxy-beta-D-glucopyranose-(1-4)-[alpha-L-fucopyranose-(1-3)]2-acetamido-2-deoxy-beta-D-glucopyranose
5 branched 2-acetamido-2-deoxy-beta-D-glucopyranose-(1-4)-2-acetamido-2-deoxy-beta-D-glucopyranose
6 non-polymer 'MANGANESE (II) ION'
7 non-polymer 'CALCIUM ION'
8 water water
#
_entity_poly.entity_id   1
_entity_poly.type   'polypeptide(L)'
_entity_poly.pdbx_seq_one_letter_code
;KTISFNFNQFHQNEEQLKLQRDARISSNSVLELTKVVNGVPTWNSTGRALYAKPVQVWDSTTGNVASFETRFSFSIRQPF
PRPHPADGLVFFIAPPNTQTGEGGGYFGIYNPLSPYPFVAVEFDTFRNTWDPQIPHIGIDVNSVISTKTVPFTLDNGGIA
NVVIKYDASTKILHVVLVFPSLGTIYTIADIVDLKQVLPESVNVGFSAATGDPSGKQRNATETHDILSWSFSASLPGTNE
F
;
_entity_poly.pdbx_strand_id   A,B,C,D
#
loop_
_chem_comp.id
_chem_comp.type
_chem_comp.name
_chem_comp.formula
A2G D-saccharide, alpha linking 2-acetamido-2-deoxy-alpha-D-galactopyranose 'C8 H15 N O6'
BMA D-saccharide, beta linking beta-D-mannopyranose 'C6 H12 O6'
CA non-polymer 'CALCIUM ION' 'Ca 2'
FUC L-saccharide, alpha linking alpha-L-fucopyranose 'C6 H12 O5'
GLA D-saccharide, alpha linking alpha-D-galactopyranose 'C6 H12 O6'
MN non-polymer 'MANGANESE (II) ION' 'Mn 2'
NAG D-saccharide, beta linking 2-acetamido-2-deoxy-beta-D-glucopyranose 'C8 H15 N O6'
#
# COMPACT_ATOMS: atom_id res chain seq x y z
N LYS A 1 14.46 13.60 5.76
CA LYS A 1 14.31 14.60 6.85
C LYS A 1 13.73 13.92 8.09
N THR A 2 14.40 14.11 9.24
CA THR A 2 13.96 13.51 10.48
C THR A 2 13.92 14.51 11.60
N ILE A 3 12.80 14.56 12.32
CA ILE A 3 12.69 15.48 13.44
C ILE A 3 12.35 14.67 14.69
N SER A 4 13.01 14.98 15.79
CA SER A 4 12.73 14.27 17.04
C SER A 4 13.09 15.03 18.30
N PHE A 5 12.33 14.81 19.36
CA PHE A 5 12.58 15.42 20.64
C PHE A 5 12.24 14.44 21.77
N ASN A 6 12.86 14.62 22.93
CA ASN A 6 12.59 13.75 24.06
C ASN A 6 12.48 14.57 25.32
N PHE A 7 11.54 14.21 26.19
CA PHE A 7 11.34 14.89 27.46
C PHE A 7 11.22 13.83 28.52
N ASN A 8 12.29 13.65 29.31
CA ASN A 8 12.26 12.71 30.42
C ASN A 8 11.39 13.26 31.53
N GLN A 9 11.27 14.58 31.57
CA GLN A 9 10.46 15.27 32.56
C GLN A 9 10.26 16.66 31.98
N PHE A 10 9.57 17.51 32.73
CA PHE A 10 9.30 18.87 32.28
C PHE A 10 9.76 19.95 33.28
N HIS A 11 10.31 21.04 32.76
CA HIS A 11 10.80 22.16 33.58
C HIS A 11 10.01 23.41 33.34
N GLN A 12 9.93 24.29 34.33
CA GLN A 12 9.23 25.56 34.16
C GLN A 12 9.89 26.38 33.07
N ASN A 13 9.09 27.14 32.34
CA ASN A 13 9.57 28.01 31.28
C ASN A 13 10.25 27.26 30.14
N GLU A 14 10.04 25.94 30.07
CA GLU A 14 10.61 25.15 28.98
C GLU A 14 10.33 25.92 27.69
N GLU A 15 11.37 26.19 26.92
CA GLU A 15 11.22 26.94 25.68
C GLU A 15 10.67 26.15 24.49
N GLN A 16 10.72 24.82 24.57
CA GLN A 16 10.25 24.00 23.47
C GLN A 16 8.76 23.68 23.54
N LEU A 17 8.10 24.11 24.61
CA LEU A 17 6.68 23.88 24.76
C LEU A 17 5.89 25.18 24.75
N LYS A 18 4.66 25.07 24.28
CA LYS A 18 3.77 26.20 24.19
C LYS A 18 2.59 25.81 25.05
N LEU A 19 2.45 26.45 26.20
CA LEU A 19 1.35 26.17 27.13
C LEU A 19 0.18 27.12 26.88
N GLN A 20 -1.03 26.58 26.85
CA GLN A 20 -2.21 27.40 26.61
C GLN A 20 -3.25 27.15 27.70
N ARG A 21 -4.00 28.20 28.02
CA ARG A 21 -5.03 28.16 29.04
C ARG A 21 -4.50 27.71 30.37
N ASP A 22 -5.16 26.75 31.02
CA ASP A 22 -4.74 26.30 32.35
C ASP A 22 -3.52 25.39 32.46
N ALA A 23 -2.94 24.98 31.34
CA ALA A 23 -1.83 24.09 31.41
C ALA A 23 -0.63 24.71 32.10
N ARG A 24 0.04 23.92 32.93
CA ARG A 24 1.23 24.40 33.59
C ARG A 24 2.12 23.29 34.10
N ILE A 25 3.39 23.59 34.28
CA ILE A 25 4.35 22.61 34.75
C ILE A 25 4.60 22.76 36.23
N SER A 26 4.39 21.68 36.98
CA SER A 26 4.56 21.70 38.42
C SER A 26 6.03 21.72 38.78
N SER A 27 6.33 22.00 40.05
CA SER A 27 7.71 22.07 40.52
C SER A 27 8.36 20.71 40.51
N ASN A 28 7.55 19.65 40.65
CA ASN A 28 8.14 18.32 40.63
C ASN A 28 8.21 17.75 39.20
N SER A 29 8.22 18.65 38.22
CA SER A 29 8.37 18.27 36.83
C SER A 29 7.24 17.63 36.02
N VAL A 30 5.99 17.72 36.44
CA VAL A 30 4.95 17.11 35.62
C VAL A 30 4.14 18.16 34.88
N LEU A 31 3.73 17.82 33.67
CA LEU A 31 2.93 18.70 32.84
C LEU A 31 1.46 18.51 33.22
N GLU A 32 0.91 19.45 33.98
CA GLU A 32 -0.48 19.35 34.38
C GLU A 32 -1.36 20.08 33.37
N LEU A 33 -2.09 19.34 32.55
CA LEU A 33 -2.91 19.95 31.52
C LEU A 33 -4.08 20.74 32.09
N THR A 34 -4.73 20.17 33.11
CA THR A 34 -5.84 20.86 33.73
C THR A 34 -5.57 21.26 35.18
N LYS A 35 -6.26 22.30 35.62
CA LYS A 35 -6.12 22.92 36.92
C LYS A 35 -6.20 22.01 38.14
N VAL A 36 -5.22 22.14 39.02
CA VAL A 36 -5.20 21.38 40.27
C VAL A 36 -4.81 22.36 41.36
N VAL A 37 -5.71 22.60 42.32
CA VAL A 37 -5.43 23.52 43.42
C VAL A 37 -5.28 22.80 44.76
N ASN A 38 -4.09 22.91 45.37
CA ASN A 38 -3.84 22.27 46.66
C ASN A 38 -4.09 20.77 46.57
N GLY A 39 -3.56 20.14 45.52
CA GLY A 39 -3.73 18.71 45.35
C GLY A 39 -5.13 18.26 44.93
N VAL A 40 -6.03 19.20 44.66
CA VAL A 40 -7.37 18.84 44.26
C VAL A 40 -7.74 19.36 42.86
N PRO A 41 -8.12 18.46 41.95
CA PRO A 41 -8.48 18.90 40.60
C PRO A 41 -9.81 19.64 40.62
N THR A 42 -9.94 20.66 39.78
CA THR A 42 -11.14 21.48 39.70
C THR A 42 -11.90 21.27 38.40
N TRP A 43 -13.15 21.68 38.39
CA TRP A 43 -13.99 21.56 37.19
C TRP A 43 -13.78 22.83 36.35
N ASN A 44 -14.47 22.92 35.22
CA ASN A 44 -14.38 24.11 34.38
C ASN A 44 -12.93 24.43 34.00
N SER A 45 -12.14 23.39 33.74
CA SER A 45 -10.76 23.61 33.33
C SER A 45 -10.41 23.03 31.96
N THR A 46 -9.59 23.76 31.22
CA THR A 46 -9.14 23.34 29.90
C THR A 46 -7.71 23.83 29.70
N GLY A 47 -6.85 22.98 29.15
CA GLY A 47 -5.45 23.35 28.93
C GLY A 47 -4.82 22.54 27.81
N ARG A 48 -3.86 23.15 27.14
CA ARG A 48 -3.16 22.49 26.04
C ARG A 48 -1.66 22.73 26.14
N ALA A 49 -0.91 21.87 25.48
CA ALA A 49 0.54 22.03 25.47
C ALA A 49 1.02 21.57 24.09
N LEU A 50 1.60 22.48 23.33
CA LEU A 50 2.08 22.14 22.00
C LEU A 50 3.60 22.21 21.90
N TYR A 51 4.17 21.45 20.99
CA TYR A 51 5.61 21.52 20.76
C TYR A 51 5.78 22.87 20.03
N ALA A 52 6.71 23.69 20.50
CA ALA A 52 6.89 25.02 19.93
C ALA A 52 7.13 25.12 18.43
N LYS A 53 7.79 24.12 17.86
CA LYS A 53 8.09 24.15 16.44
C LYS A 53 7.15 23.31 15.61
N PRO A 54 6.79 23.80 14.42
CA PRO A 54 5.90 23.05 13.53
C PRO A 54 6.65 21.88 12.92
N VAL A 55 5.92 20.81 12.59
CA VAL A 55 6.56 19.66 11.96
C VAL A 55 5.90 19.44 10.60
N GLN A 56 6.69 19.01 9.63
CA GLN A 56 6.16 18.77 8.30
C GLN A 56 5.71 17.33 8.20
N VAL A 57 4.40 17.10 8.05
CA VAL A 57 3.89 15.75 7.93
C VAL A 57 3.81 15.26 6.50
N TRP A 58 3.77 16.18 5.54
CA TRP A 58 3.82 15.79 4.13
C TRP A 58 4.33 16.93 3.26
N ASP A 59 4.79 16.58 2.06
CA ASP A 59 5.34 17.55 1.13
C ASP A 59 4.60 17.56 -0.19
N SER A 60 4.03 18.71 -0.53
CA SER A 60 3.27 18.86 -1.76
C SER A 60 4.09 18.72 -3.03
N THR A 61 5.40 18.93 -2.93
CA THR A 61 6.27 18.81 -4.09
C THR A 61 6.49 17.36 -4.52
N THR A 62 6.84 16.50 -3.56
CA THR A 62 7.07 15.09 -3.87
C THR A 62 5.84 14.24 -3.62
N GLY A 63 4.89 14.76 -2.86
CA GLY A 63 3.69 14.01 -2.56
C GLY A 63 3.88 13.03 -1.41
N ASN A 64 5.11 12.95 -0.90
CA ASN A 64 5.44 12.05 0.18
C ASN A 64 4.85 12.44 1.53
N VAL A 65 4.45 11.44 2.31
CA VAL A 65 3.88 11.65 3.63
C VAL A 65 4.82 11.10 4.69
N ALA A 66 4.86 11.72 5.84
CA ALA A 66 5.75 11.28 6.89
C ALA A 66 5.19 10.14 7.73
N SER A 67 6.11 9.39 8.32
CA SER A 67 5.79 8.32 9.22
C SER A 67 6.24 8.93 10.55
N PHE A 68 5.59 8.56 11.65
CA PHE A 68 6.03 9.06 12.93
C PHE A 68 5.74 8.09 14.04
N GLU A 69 6.38 8.34 15.17
CA GLU A 69 6.23 7.50 16.37
C GLU A 69 6.31 8.42 17.58
N THR A 70 5.38 8.29 18.52
CA THR A 70 5.43 9.10 19.70
C THR A 70 5.05 8.25 20.88
N ARG A 71 5.78 8.44 21.97
CA ARG A 71 5.56 7.70 23.21
C ARG A 71 5.43 8.70 24.35
N PHE A 72 4.53 8.43 25.28
CA PHE A 72 4.36 9.30 26.41
C PHE A 72 3.70 8.55 27.54
N SER A 73 3.88 9.10 28.74
CA SER A 73 3.31 8.53 29.95
C SER A 73 2.40 9.54 30.54
N PHE A 74 1.24 9.10 30.98
CA PHE A 74 0.30 10.05 31.60
C PHE A 74 -0.30 9.41 32.83
N SER A 75 -0.97 10.23 33.63
CA SER A 75 -1.61 9.74 34.82
C SER A 75 -2.90 10.49 34.99
N ILE A 76 -3.98 9.76 35.26
CA ILE A 76 -5.28 10.35 35.50
C ILE A 76 -5.73 9.89 36.88
N ARG A 77 -5.87 10.83 37.81
CA ARG A 77 -6.33 10.48 39.14
C ARG A 77 -7.76 10.97 39.27
N GLN A 78 -8.65 10.09 39.69
CA GLN A 78 -10.06 10.44 39.84
C GLN A 78 -10.43 10.36 41.31
N PRO A 79 -10.26 11.47 42.04
CA PRO A 79 -10.55 11.57 43.47
C PRO A 79 -12.02 11.51 43.86
N PHE A 80 -12.90 11.97 42.99
CA PHE A 80 -14.32 11.95 43.29
C PHE A 80 -15.03 10.98 42.33
N PRO A 81 -15.29 9.75 42.79
CA PRO A 81 -15.97 8.75 41.98
C PRO A 81 -17.42 9.05 41.62
N ARG A 82 -18.13 9.81 42.44
CA ARG A 82 -19.54 10.14 42.19
C ARG A 82 -19.75 11.64 42.00
N PRO A 83 -20.57 12.03 41.00
CA PRO A 83 -21.33 11.23 40.05
C PRO A 83 -20.55 10.71 38.85
N HIS A 84 -19.61 11.49 38.34
CA HIS A 84 -18.86 11.07 37.19
C HIS A 84 -17.66 11.94 36.81
N PRO A 85 -16.47 11.32 36.64
CA PRO A 85 -15.25 12.03 36.27
C PRO A 85 -15.36 12.55 34.84
N ALA A 86 -14.63 13.61 34.53
CA ALA A 86 -14.64 14.21 33.19
C ALA A 86 -13.39 15.06 33.02
N ASP A 87 -12.92 15.25 31.80
CA ASP A 87 -13.53 14.66 30.62
C ASP A 87 -12.58 13.72 29.91
N GLY A 88 -11.29 13.98 30.03
CA GLY A 88 -10.31 13.14 29.39
C GLY A 88 -9.22 13.97 28.75
N LEU A 89 -8.26 13.29 28.12
CA LEU A 89 -7.14 13.97 27.50
C LEU A 89 -6.91 13.39 26.14
N VAL A 90 -6.26 14.17 25.28
CA VAL A 90 -5.98 13.68 23.94
C VAL A 90 -4.59 14.09 23.47
N PHE A 91 -4.12 13.38 22.46
CA PHE A 91 -2.87 13.69 21.80
C PHE A 91 -3.41 14.15 20.45
N PHE A 92 -3.00 15.30 19.95
CA PHE A 92 -3.53 15.69 18.67
C PHE A 92 -2.51 16.35 17.75
N ILE A 93 -2.88 16.42 16.48
CA ILE A 93 -2.09 17.03 15.44
C ILE A 93 -3.08 17.99 14.80
N ALA A 94 -2.67 19.26 14.67
CA ALA A 94 -3.52 20.28 14.09
C ALA A 94 -2.71 21.33 13.35
N PRO A 95 -3.39 22.23 12.60
CA PRO A 95 -2.67 23.26 11.87
C PRO A 95 -1.97 24.12 12.90
N PRO A 96 -0.91 24.82 12.52
CA PRO A 96 -0.24 25.64 13.52
C PRO A 96 -0.98 26.91 13.85
N ASN A 97 -0.63 27.52 14.98
CA ASN A 97 -1.24 28.77 15.42
C ASN A 97 -2.72 28.67 15.74
N THR A 98 -3.21 27.53 16.18
CA THR A 98 -4.62 27.44 16.51
C THR A 98 -4.79 27.86 17.96
N GLN A 99 -6.03 27.96 18.43
CA GLN A 99 -6.30 28.33 19.81
C GLN A 99 -7.18 27.29 20.46
N THR A 100 -7.15 27.22 21.79
CA THR A 100 -7.94 26.27 22.53
C THR A 100 -9.40 26.35 22.09
N GLY A 101 -10.00 25.19 21.80
CA GLY A 101 -11.39 25.19 21.42
C GLY A 101 -12.28 25.06 22.66
N GLU A 102 -13.46 24.51 22.47
CA GLU A 102 -14.42 24.30 23.55
C GLU A 102 -13.92 23.23 24.53
N GLY A 103 -14.29 23.37 25.80
CA GLY A 103 -13.88 22.40 26.79
C GLY A 103 -14.80 21.20 26.83
N GLY A 104 -15.04 20.67 28.02
CA GLY A 104 -15.88 19.50 28.18
C GLY A 104 -15.49 18.34 27.27
N GLY A 105 -16.52 17.67 26.74
CA GLY A 105 -16.31 16.53 25.86
C GLY A 105 -15.63 16.87 24.57
N TYR A 106 -15.30 18.14 24.36
CA TYR A 106 -14.60 18.58 23.14
C TYR A 106 -13.10 18.66 23.40
N PHE A 107 -12.71 18.33 24.63
CA PHE A 107 -11.31 18.29 25.04
C PHE A 107 -10.47 19.53 24.79
N GLY A 108 -11.06 20.58 24.26
CA GLY A 108 -10.28 21.78 24.01
C GLY A 108 -9.69 21.81 22.62
N ILE A 109 -10.03 20.84 21.77
CA ILE A 109 -9.48 20.82 20.42
C ILE A 109 -10.52 21.16 19.35
N TYR A 110 -11.79 21.09 19.69
CA TYR A 110 -12.82 21.40 18.73
C TYR A 110 -13.48 22.74 19.00
N ASN A 111 -13.57 23.55 17.96
CA ASN A 111 -14.17 24.88 18.03
C ASN A 111 -15.32 24.92 17.01
N PRO A 112 -16.56 24.72 17.46
CA PRO A 112 -17.72 24.74 16.57
C PRO A 112 -17.83 26.02 15.74
N LEU A 113 -17.51 27.15 16.36
CA LEU A 113 -17.61 28.44 15.69
C LEU A 113 -16.66 28.54 14.48
N SER A 114 -15.54 27.88 14.58
CA SER A 114 -14.60 27.90 13.46
C SER A 114 -13.71 26.67 13.52
N PRO A 115 -14.25 25.51 13.12
CA PRO A 115 -13.54 24.23 13.13
C PRO A 115 -12.29 24.18 12.28
N TYR A 116 -11.21 23.66 12.84
CA TYR A 116 -9.98 23.45 12.08
C TYR A 116 -9.81 21.92 12.05
N PRO A 117 -9.15 21.41 11.02
CA PRO A 117 -8.98 19.96 10.96
C PRO A 117 -7.96 19.46 12.00
N PHE A 118 -8.11 18.19 12.36
CA PHE A 118 -7.20 17.57 13.33
C PHE A 118 -7.31 16.06 13.40
N VAL A 119 -6.23 15.42 13.82
CA VAL A 119 -6.24 13.98 14.02
C VAL A 119 -5.89 13.86 15.50
N ALA A 120 -6.61 13.03 16.23
CA ALA A 120 -6.33 12.92 17.64
C ALA A 120 -6.61 11.53 18.20
N VAL A 121 -5.91 11.21 19.29
CA VAL A 121 -6.09 9.95 19.97
C VAL A 121 -6.61 10.36 21.35
N GLU A 122 -7.82 9.96 21.68
CA GLU A 122 -8.40 10.35 22.96
C GLU A 122 -8.44 9.24 24.01
N PHE A 123 -8.41 9.66 25.26
CA PHE A 123 -8.52 8.77 26.39
C PHE A 123 -9.67 9.46 27.10
N ASP A 124 -10.87 9.05 26.70
CA ASP A 124 -12.12 9.60 27.13
C ASP A 124 -12.65 9.01 28.41
N THR A 125 -12.95 9.86 29.39
CA THR A 125 -13.43 9.35 30.67
C THR A 125 -14.89 9.69 30.99
N PHE A 126 -15.55 10.49 30.16
CA PHE A 126 -16.93 10.86 30.40
C PHE A 126 -17.77 10.51 29.19
N ARG A 127 -18.89 9.86 29.44
CA ARG A 127 -19.75 9.45 28.34
C ARG A 127 -20.74 10.50 27.85
N ASN A 128 -20.43 11.13 26.73
CA ASN A 128 -21.33 12.11 26.14
C ASN A 128 -22.37 11.38 25.32
N THR A 129 -23.32 12.13 24.76
CA THR A 129 -24.38 11.51 23.97
C THR A 129 -23.83 10.69 22.82
N TRP A 130 -22.73 11.17 22.23
CA TRP A 130 -22.10 10.51 21.08
C TRP A 130 -21.09 9.41 21.42
N ASP A 131 -20.90 9.16 22.72
CA ASP A 131 -19.94 8.17 23.21
C ASP A 131 -20.42 6.80 23.56
N PRO A 132 -19.52 5.80 23.44
CA PRO A 132 -19.82 4.41 23.79
C PRO A 132 -19.39 4.37 25.26
N GLN A 133 -19.49 3.22 25.89
CA GLN A 133 -19.11 3.14 27.30
C GLN A 133 -17.69 3.70 27.56
N ILE A 134 -17.49 4.30 28.72
CA ILE A 134 -16.19 4.86 29.09
C ILE A 134 -15.59 4.08 30.27
N PRO A 135 -14.27 4.14 30.44
CA PRO A 135 -13.32 4.88 29.60
C PRO A 135 -13.05 4.16 28.29
N HIS A 136 -12.67 4.91 27.27
CA HIS A 136 -12.32 4.29 26.01
C HIS A 136 -11.22 5.04 25.29
N ILE A 137 -10.50 4.32 24.45
CA ILE A 137 -9.44 4.91 23.63
C ILE A 137 -10.19 5.12 22.34
N GLY A 138 -9.96 6.25 21.70
CA GLY A 138 -10.66 6.55 20.46
C GLY A 138 -9.76 7.26 19.47
N ILE A 139 -10.00 7.02 18.19
CA ILE A 139 -9.25 7.66 17.13
C ILE A 139 -10.20 8.66 16.52
N ASP A 140 -9.85 9.94 16.60
CA ASP A 140 -10.69 11.01 16.09
C ASP A 140 -10.10 11.72 14.89
N VAL A 141 -10.93 11.96 13.88
CA VAL A 141 -10.51 12.67 12.66
C VAL A 141 -11.51 13.78 12.41
N ASN A 142 -11.08 15.02 12.65
CA ASN A 142 -11.92 16.23 12.45
C ASN A 142 -13.16 16.33 13.34
N SER A 143 -13.31 15.40 14.26
CA SER A 143 -14.48 15.38 15.12
C SER A 143 -14.20 14.50 16.29
N VAL A 144 -14.97 14.67 17.36
CA VAL A 144 -14.78 13.88 18.56
C VAL A 144 -15.64 12.63 18.51
N ILE A 145 -16.31 12.41 17.39
CA ILE A 145 -17.12 11.20 17.21
C ILE A 145 -16.16 10.21 16.55
N SER A 146 -15.47 9.44 17.38
CA SER A 146 -14.43 8.49 16.98
C SER A 146 -14.76 7.57 15.84
N THR A 147 -13.77 7.34 14.98
CA THR A 147 -13.94 6.41 13.87
C THR A 147 -13.85 5.01 14.45
N LYS A 148 -13.00 4.87 15.45
CA LYS A 148 -12.81 3.58 16.09
C LYS A 148 -12.69 3.80 17.59
N THR A 149 -13.17 2.87 18.37
CA THR A 149 -13.11 2.99 19.82
C THR A 149 -12.78 1.64 20.48
N VAL A 150 -12.17 1.68 21.66
CA VAL A 150 -11.89 0.47 22.40
C VAL A 150 -11.96 0.82 23.88
N PRO A 151 -12.63 -0.01 24.69
CA PRO A 151 -12.72 0.31 26.12
C PRO A 151 -11.50 -0.13 26.92
N PHE A 152 -11.28 0.50 28.05
CA PHE A 152 -10.16 0.13 28.93
C PHE A 152 -10.53 0.49 30.38
N THR A 153 -9.85 -0.18 31.31
CA THR A 153 -10.05 0.04 32.73
C THR A 153 -8.87 0.87 33.18
N LEU A 154 -9.17 2.04 33.72
CA LEU A 154 -8.14 2.96 34.19
C LEU A 154 -7.48 2.54 35.50
N ASP A 155 -6.17 2.74 35.61
CA ASP A 155 -5.48 2.47 36.85
C ASP A 155 -5.53 3.85 37.54
N ASN A 156 -6.54 4.06 38.38
CA ASN A 156 -6.73 5.33 39.08
C ASN A 156 -5.47 5.87 39.76
N GLY A 157 -4.95 6.98 39.25
CA GLY A 157 -3.75 7.55 39.83
C GLY A 157 -2.46 6.83 39.44
N GLY A 158 -2.56 5.72 38.70
CA GLY A 158 -1.37 5.00 38.28
C GLY A 158 -0.74 5.60 37.01
N ILE A 159 0.37 5.02 36.58
CA ILE A 159 1.07 5.49 35.40
C ILE A 159 0.65 4.68 34.20
N ALA A 160 0.45 5.36 33.08
CA ALA A 160 0.05 4.68 31.84
C ALA A 160 1.07 4.97 30.75
N ASN A 161 1.47 3.97 29.99
CA ASN A 161 2.43 4.16 28.91
C ASN A 161 1.72 4.00 27.60
N VAL A 162 1.91 4.97 26.73
CA VAL A 162 1.27 4.98 25.44
C VAL A 162 2.28 5.00 24.30
N VAL A 163 1.99 4.24 23.25
CA VAL A 163 2.79 4.23 22.07
C VAL A 163 1.86 4.48 20.87
N ILE A 164 2.13 5.54 20.12
CA ILE A 164 1.34 5.83 18.94
C ILE A 164 2.31 5.76 17.79
N LYS A 165 1.94 5.02 16.75
CA LYS A 165 2.79 4.86 15.59
C LYS A 165 1.95 5.02 14.34
N TYR A 166 2.52 5.72 13.36
CA TYR A 166 1.83 5.91 12.09
C TYR A 166 2.77 5.55 10.96
N ASP A 167 2.36 4.59 10.14
CA ASP A 167 3.16 4.15 9.00
C ASP A 167 2.55 4.73 7.69
N ALA A 168 3.25 5.65 7.06
CA ALA A 168 2.76 6.25 5.84
C ALA A 168 2.50 5.27 4.69
N SER A 169 3.30 4.22 4.57
CA SER A 169 3.12 3.26 3.49
C SER A 169 1.82 2.48 3.58
N THR A 170 1.29 2.27 4.78
CA THR A 170 0.04 1.54 4.93
C THR A 170 -1.10 2.43 5.41
N LYS A 171 -0.76 3.63 5.87
CA LYS A 171 -1.72 4.60 6.39
C LYS A 171 -2.31 4.07 7.66
N ILE A 172 -1.61 3.17 8.32
CA ILE A 172 -2.12 2.61 9.57
C ILE A 172 -1.66 3.43 10.80
N LEU A 173 -2.61 3.81 11.63
CA LEU A 173 -2.30 4.52 12.87
C LEU A 173 -2.60 3.52 13.98
N HIS A 174 -1.57 3.04 14.67
CA HIS A 174 -1.80 2.09 15.75
C HIS A 174 -1.34 2.65 17.08
N VAL A 175 -2.19 2.49 18.08
CA VAL A 175 -1.89 2.97 19.41
C VAL A 175 -1.98 1.84 20.41
N VAL A 176 -1.00 1.80 21.30
CA VAL A 176 -0.92 0.81 22.36
C VAL A 176 -0.96 1.54 23.70
N LEU A 177 -1.76 1.01 24.61
CA LEU A 177 -1.92 1.59 25.95
C LEU A 177 -1.58 0.51 26.97
N VAL A 178 -0.61 0.79 27.84
CA VAL A 178 -0.22 -0.18 28.84
C VAL A 178 -0.21 0.39 30.24
N PHE A 179 -0.70 -0.39 31.18
CA PHE A 179 -0.71 0.01 32.59
C PHE A 179 0.25 -0.97 33.27
N PRO A 180 1.54 -0.61 33.37
CA PRO A 180 2.52 -1.52 33.99
C PRO A 180 2.15 -2.08 35.36
N SER A 181 1.56 -1.29 36.25
CA SER A 181 1.18 -1.82 37.57
C SER A 181 0.17 -2.93 37.46
N LEU A 182 -0.77 -2.81 36.53
CA LEU A 182 -1.80 -3.85 36.34
C LEU A 182 -1.42 -4.91 35.29
N GLY A 183 -0.43 -4.60 34.46
CA GLY A 183 -0.04 -5.53 33.40
C GLY A 183 -1.06 -5.63 32.27
N THR A 184 -2.00 -4.69 32.22
CA THR A 184 -3.01 -4.73 31.16
C THR A 184 -2.53 -4.02 29.90
N ILE A 185 -2.95 -4.54 28.75
CA ILE A 185 -2.57 -4.05 27.44
C ILE A 185 -3.80 -3.84 26.55
N TYR A 186 -3.94 -2.65 25.98
CA TYR A 186 -5.06 -2.35 25.11
C TYR A 186 -4.48 -1.88 23.82
N THR A 187 -5.11 -2.26 22.72
CA THR A 187 -4.61 -1.87 21.42
C THR A 187 -5.75 -1.49 20.45
N ILE A 188 -5.48 -0.51 19.59
CA ILE A 188 -6.48 -0.08 18.65
C ILE A 188 -5.74 0.46 17.44
N ALA A 189 -6.34 0.30 16.26
CA ALA A 189 -5.72 0.80 15.05
C ALA A 189 -6.78 1.17 14.01
N ASP A 190 -6.42 2.03 13.07
CA ASP A 190 -7.33 2.42 12.02
C ASP A 190 -6.51 3.00 10.89
N ILE A 191 -7.16 3.17 9.74
CA ILE A 191 -6.55 3.75 8.56
C ILE A 191 -6.88 5.23 8.52
N VAL A 192 -5.84 6.04 8.41
CA VAL A 192 -6.01 7.49 8.39
C VAL A 192 -5.03 8.06 7.39
N ASP A 193 -5.56 8.81 6.44
CA ASP A 193 -4.75 9.41 5.40
C ASP A 193 -4.45 10.87 5.78
N LEU A 194 -3.32 11.07 6.45
CA LEU A 194 -2.92 12.39 6.91
C LEU A 194 -2.95 13.47 5.81
N LYS A 195 -2.37 13.13 4.66
CA LYS A 195 -2.27 14.00 3.51
C LYS A 195 -3.64 14.54 3.10
N GLN A 196 -4.66 13.73 3.32
CA GLN A 196 -6.02 14.05 2.99
C GLN A 196 -6.73 14.96 4.00
N VAL A 197 -6.27 15.00 5.24
CA VAL A 197 -6.96 15.80 6.24
C VAL A 197 -6.21 16.99 6.79
N LEU A 198 -4.89 16.88 6.85
CA LEU A 198 -4.07 17.93 7.40
C LEU A 198 -3.22 18.66 6.37
N PRO A 199 -2.72 19.84 6.72
CA PRO A 199 -1.86 20.62 5.83
C PRO A 199 -0.43 20.09 5.98
N GLU A 200 0.51 20.60 5.18
CA GLU A 200 1.88 20.10 5.22
C GLU A 200 2.57 20.31 6.56
N SER A 201 2.32 21.46 7.18
CA SER A 201 2.90 21.79 8.47
C SER A 201 1.87 21.72 9.58
N VAL A 202 2.26 21.13 10.72
CA VAL A 202 1.33 21.00 11.83
C VAL A 202 2.02 21.15 13.18
N ASN A 203 1.20 21.17 14.23
CA ASN A 203 1.67 21.23 15.59
C ASN A 203 1.21 19.90 16.22
N VAL A 204 2.00 19.37 17.15
CA VAL A 204 1.64 18.14 17.84
C VAL A 204 1.64 18.49 19.32
N GLY A 205 0.76 17.86 20.08
CA GLY A 205 0.71 18.17 21.49
C GLY A 205 -0.44 17.48 22.20
N PHE A 206 -0.78 18.01 23.38
CA PHE A 206 -1.82 17.43 24.19
C PHE A 206 -2.87 18.47 24.59
N SER A 207 -4.04 17.98 24.96
CA SER A 207 -5.11 18.86 25.38
C SER A 207 -5.99 18.05 26.29
N ALA A 208 -6.56 18.71 27.28
CA ALA A 208 -7.46 18.02 28.21
C ALA A 208 -8.48 18.98 28.80
N ALA A 209 -9.50 18.43 29.45
CA ALA A 209 -10.51 19.26 30.05
C ALA A 209 -11.24 18.54 31.16
N THR A 210 -11.77 19.32 32.10
CA THR A 210 -12.55 18.76 33.19
C THR A 210 -14.00 19.18 32.96
N GLY A 211 -14.90 18.70 33.83
CA GLY A 211 -16.32 18.97 33.69
C GLY A 211 -16.70 20.40 33.34
N ASP A 212 -17.59 20.56 32.39
CA ASP A 212 -18.04 21.89 32.01
C ASP A 212 -19.13 22.33 33.01
N PRO A 213 -19.15 23.62 33.39
CA PRO A 213 -20.13 24.17 34.33
C PRO A 213 -21.59 23.82 34.01
N SER A 214 -21.92 23.77 32.71
CA SER A 214 -23.27 23.43 32.29
C SER A 214 -23.76 22.11 32.90
N GLY A 215 -22.82 21.24 33.28
CA GLY A 215 -23.19 19.97 33.87
C GLY A 215 -23.65 20.09 35.30
N LYS A 216 -23.39 21.25 35.90
CA LYS A 216 -23.78 21.52 37.29
C LYS A 216 -23.21 20.55 38.32
N GLN A 217 -22.02 20.00 38.03
CA GLN A 217 -21.38 19.06 38.97
C GLN A 217 -19.89 19.39 39.12
N ARG A 218 -19.53 19.88 40.30
CA ARG A 218 -18.17 20.24 40.61
C ARG A 218 -17.28 19.01 40.76
N ASN A 219 -17.89 17.84 40.92
CA ASN A 219 -17.15 16.61 41.07
C ASN A 219 -16.75 16.02 39.73
N ALA A 220 -17.24 16.61 38.65
CA ALA A 220 -16.94 16.12 37.32
C ALA A 220 -15.53 16.59 36.96
N THR A 221 -14.52 15.98 37.60
CA THR A 221 -13.16 16.38 37.35
C THR A 221 -12.17 15.25 37.66
N GLU A 222 -10.90 15.49 37.33
CA GLU A 222 -9.83 14.51 37.55
C GLU A 222 -8.57 15.20 37.08
N THR A 223 -7.42 14.61 37.34
CA THR A 223 -6.18 15.20 36.89
C THR A 223 -5.87 14.70 35.47
N HIS A 224 -5.01 15.41 34.76
CA HIS A 224 -4.58 15.00 33.43
C HIS A 224 -3.11 15.32 33.32
N ASP A 225 -2.26 14.50 33.92
CA ASP A 225 -0.83 14.74 33.92
C ASP A 225 0.01 13.94 32.91
N ILE A 226 0.95 14.64 32.27
CA ILE A 226 1.85 14.02 31.33
C ILE A 226 3.18 13.95 32.04
N LEU A 227 3.74 12.76 32.15
CA LEU A 227 4.99 12.56 32.86
C LEU A 227 6.24 12.61 31.98
N SER A 228 6.14 12.15 30.74
CA SER A 228 7.27 12.17 29.83
C SER A 228 6.76 12.15 28.40
N TRP A 229 7.62 12.47 27.45
CA TRP A 229 7.16 12.49 26.06
C TRP A 229 8.27 12.54 25.03
N SER A 230 8.26 11.62 24.08
CA SER A 230 9.25 11.65 22.99
C SER A 230 8.49 11.56 21.64
N PHE A 231 9.02 12.23 20.62
CA PHE A 231 8.40 12.28 19.33
C PHE A 231 9.42 12.11 18.23
N SER A 232 9.05 11.44 17.16
CA SER A 232 9.95 11.24 16.05
C SER A 232 9.17 11.16 14.73
N ALA A 233 9.59 11.95 13.73
CA ALA A 233 8.95 11.95 12.42
C ALA A 233 9.98 11.89 11.29
N SER A 234 9.67 11.15 10.23
CA SER A 234 10.56 11.01 9.10
C SER A 234 9.86 11.26 7.77
N LEU A 235 10.29 12.29 7.07
CA LEU A 235 9.75 12.64 5.78
C LEU A 235 10.80 12.33 4.74
N PRO A 236 10.64 11.24 3.98
CA PRO A 236 11.60 10.88 2.94
C PRO A 236 11.48 11.85 1.78
N LYS B 1 -20.53 -15.89 15.16
CA LYS B 1 -20.22 -17.33 15.45
C LYS B 1 -18.86 -17.43 16.13
N THR B 2 -18.78 -16.90 17.35
CA THR B 2 -17.56 -16.89 18.13
C THR B 2 -17.00 -18.26 18.51
N ILE B 3 -15.70 -18.29 18.75
CA ILE B 3 -14.99 -19.49 19.15
C ILE B 3 -13.86 -18.95 20.01
N SER B 4 -13.49 -19.69 21.04
CA SER B 4 -12.41 -19.24 21.91
C SER B 4 -11.92 -20.33 22.87
N PHE B 5 -10.64 -20.27 23.18
CA PHE B 5 -10.06 -21.23 24.09
C PHE B 5 -9.02 -20.52 24.90
N ASN B 6 -8.85 -20.96 26.13
CA ASN B 6 -7.89 -20.32 26.98
C ASN B 6 -7.09 -21.36 27.71
N PHE B 7 -5.78 -21.23 27.65
CA PHE B 7 -4.86 -22.13 28.33
C PHE B 7 -4.08 -21.24 29.29
N ASN B 8 -4.31 -21.37 30.59
CA ASN B 8 -3.56 -20.58 31.57
C ASN B 8 -2.33 -21.36 31.98
N GLN B 9 -2.27 -22.61 31.52
CA GLN B 9 -1.17 -23.53 31.82
C GLN B 9 -1.28 -24.67 30.80
N PHE B 10 -0.31 -25.55 30.77
CA PHE B 10 -0.38 -26.69 29.85
C PHE B 10 -0.23 -27.99 30.65
N HIS B 11 -1.19 -28.90 30.51
CA HIS B 11 -1.13 -30.17 31.23
C HIS B 11 -0.39 -31.20 30.38
N GLN B 12 0.16 -32.19 31.04
CA GLN B 12 0.89 -33.26 30.35
C GLN B 12 -0.08 -33.93 29.39
N ASN B 13 0.33 -34.05 28.13
CA ASN B 13 -0.54 -34.68 27.13
C ASN B 13 -1.91 -33.98 27.01
N GLU B 14 -1.90 -32.72 26.54
CA GLU B 14 -3.12 -31.94 26.36
C GLU B 14 -3.95 -32.53 25.22
N GLU B 15 -5.18 -32.91 25.52
CA GLU B 15 -6.03 -33.48 24.51
C GLU B 15 -6.42 -32.48 23.43
N GLN B 16 -6.33 -31.19 23.78
CA GLN B 16 -6.67 -30.11 22.86
C GLN B 16 -5.50 -29.63 22.00
N LEU B 17 -4.32 -30.16 22.26
CA LEU B 17 -3.15 -29.79 21.47
C LEU B 17 -2.58 -30.94 20.67
N LYS B 18 -1.97 -30.59 19.55
CA LYS B 18 -1.31 -31.54 18.69
C LYS B 18 0.14 -31.13 18.70
N LEU B 19 0.99 -31.96 19.28
CA LEU B 19 2.42 -31.67 19.34
C LEU B 19 3.12 -32.37 18.20
N GLN B 20 4.03 -31.67 17.52
CA GLN B 20 4.76 -32.27 16.41
C GLN B 20 6.27 -32.11 16.62
N ARG B 21 7.03 -33.06 16.08
CA ARG B 21 8.48 -33.05 16.22
C ARG B 21 8.95 -32.98 17.65
N ASP B 22 9.87 -32.07 17.95
CA ASP B 22 10.41 -31.95 19.29
C ASP B 22 9.59 -31.25 20.35
N ALA B 23 8.43 -30.72 19.98
CA ALA B 23 7.62 -30.03 20.98
C ALA B 23 7.13 -30.97 22.11
N ARG B 24 7.23 -30.50 23.33
CA ARG B 24 6.75 -31.26 24.49
C ARG B 24 6.38 -30.35 25.64
N ILE B 25 5.57 -30.88 26.53
CA ILE B 25 5.13 -30.15 27.71
C ILE B 25 5.94 -30.60 28.90
N SER B 26 6.58 -29.67 29.57
CA SER B 26 7.39 -29.99 30.74
C SER B 26 6.52 -30.29 31.95
N SER B 27 7.13 -30.85 32.98
CA SER B 27 6.41 -31.20 34.21
C SER B 27 5.91 -29.96 34.92
N ASN B 28 6.64 -28.86 34.81
CA ASN B 28 6.22 -27.63 35.45
C ASN B 28 5.20 -26.88 34.60
N SER B 29 4.64 -27.60 33.63
CA SER B 29 3.60 -27.09 32.74
C SER B 29 3.89 -26.12 31.55
N VAL B 30 5.14 -25.89 31.20
CA VAL B 30 5.38 -25.00 30.09
C VAL B 30 5.48 -25.76 28.78
N LEU B 31 5.04 -25.12 27.69
CA LEU B 31 5.09 -25.72 26.37
C LEU B 31 6.44 -25.41 25.75
N GLU B 32 7.32 -26.41 25.71
CA GLU B 32 8.66 -26.23 25.14
C GLU B 32 8.62 -26.60 23.68
N LEU B 33 8.67 -25.60 22.80
CA LEU B 33 8.61 -25.89 21.38
C LEU B 33 9.85 -26.62 20.86
N THR B 34 11.02 -26.25 21.35
CA THR B 34 12.24 -26.88 20.91
C THR B 34 12.94 -27.62 22.06
N LYS B 35 13.71 -28.62 21.69
CA LYS B 35 14.36 -29.47 22.66
C LYS B 35 15.30 -28.85 23.68
N VAL B 36 15.11 -29.25 24.93
CA VAL B 36 15.98 -28.82 26.00
C VAL B 36 16.32 -30.06 26.85
N VAL B 37 17.61 -30.41 26.93
CA VAL B 37 18.04 -31.57 27.70
C VAL B 37 18.84 -31.16 28.92
N ASN B 38 18.34 -31.55 30.09
CA ASN B 38 18.99 -31.22 31.35
C ASN B 38 19.17 -29.72 31.49
N GLY B 39 18.12 -28.98 31.18
CA GLY B 39 18.18 -27.54 31.30
C GLY B 39 18.97 -26.82 30.23
N VAL B 40 19.47 -27.56 29.24
CA VAL B 40 20.26 -26.93 28.18
C VAL B 40 19.63 -27.12 26.81
N PRO B 41 19.34 -26.01 26.10
CA PRO B 41 18.73 -26.09 24.78
C PRO B 41 19.74 -26.61 23.76
N THR B 42 19.29 -27.43 22.81
CA THR B 42 20.19 -27.98 21.82
C THR B 42 19.88 -27.45 20.44
N TRP B 43 20.81 -27.68 19.51
CA TRP B 43 20.65 -27.23 18.13
C TRP B 43 19.91 -28.31 17.35
N ASN B 44 19.71 -28.07 16.07
CA ASN B 44 19.09 -29.10 15.25
C ASN B 44 17.71 -29.49 15.76
N SER B 45 16.97 -28.54 16.33
CA SER B 45 15.64 -28.86 16.82
C SER B 45 14.51 -28.06 16.19
N THR B 46 13.36 -28.70 16.03
CA THR B 46 12.22 -28.07 15.43
C THR B 46 10.95 -28.65 16.05
N GLY B 47 10.00 -27.80 16.40
CA GLY B 47 8.75 -28.28 17.00
C GLY B 47 7.57 -27.34 16.78
N ARG B 48 6.38 -27.91 16.73
CA ARG B 48 5.17 -27.14 16.56
C ARG B 48 4.10 -27.58 17.53
N ALA B 49 3.11 -26.72 17.74
CA ALA B 49 1.99 -27.03 18.62
C ALA B 49 0.81 -26.34 18.00
N LEU B 50 -0.18 -27.13 17.59
CA LEU B 50 -1.40 -26.62 16.98
C LEU B 50 -2.62 -26.84 17.86
N TYR B 51 -3.62 -25.99 17.75
CA TYR B 51 -4.85 -26.20 18.51
C TYR B 51 -5.48 -27.34 17.72
N ALA B 52 -5.92 -28.39 18.42
CA ALA B 52 -6.48 -29.56 17.79
C ALA B 52 -7.67 -29.37 16.87
N LYS B 53 -8.47 -28.35 17.10
CA LYS B 53 -9.63 -28.13 16.26
C LYS B 53 -9.44 -27.00 15.25
N PRO B 54 -9.92 -27.18 14.01
CA PRO B 54 -9.78 -26.14 13.00
C PRO B 54 -10.72 -24.99 13.29
N VAL B 55 -10.36 -23.77 12.87
CA VAL B 55 -11.21 -22.61 13.09
C VAL B 55 -11.54 -22.03 11.73
N GLN B 56 -12.75 -21.50 11.61
CA GLN B 56 -13.16 -20.93 10.34
C GLN B 56 -12.85 -19.44 10.35
N VAL B 57 -11.94 -19.00 9.47
CA VAL B 57 -11.59 -17.57 9.43
C VAL B 57 -12.42 -16.80 8.45
N TRP B 58 -13.08 -17.51 7.53
CA TRP B 58 -13.99 -16.86 6.59
C TRP B 58 -14.99 -17.84 5.99
N ASP B 59 -16.09 -17.29 5.47
CA ASP B 59 -17.15 -18.09 4.91
C ASP B 59 -17.46 -17.72 3.46
N SER B 60 -17.27 -18.68 2.56
CA SER B 60 -17.50 -18.46 1.12
C SER B 60 -18.95 -18.15 0.76
N THR B 61 -19.88 -18.56 1.60
CA THR B 61 -21.29 -18.31 1.33
C THR B 61 -21.64 -16.83 1.50
N THR B 62 -21.27 -16.28 2.66
CA THR B 62 -21.56 -14.87 2.95
C THR B 62 -20.44 -13.94 2.54
N GLY B 63 -19.24 -14.50 2.38
CA GLY B 63 -18.08 -13.71 2.00
C GLY B 63 -17.47 -13.01 3.22
N ASN B 64 -18.10 -13.17 4.38
CA ASN B 64 -17.63 -12.56 5.61
C ASN B 64 -16.32 -13.16 6.10
N VAL B 65 -15.47 -12.30 6.68
CA VAL B 65 -14.17 -12.69 7.21
C VAL B 65 -14.20 -12.52 8.73
N ALA B 66 -13.48 -13.38 9.44
CA ALA B 66 -13.50 -13.31 10.89
C ALA B 66 -12.50 -12.32 11.45
N SER B 67 -12.80 -11.81 12.62
CA SER B 67 -11.92 -10.93 13.34
C SER B 67 -11.43 -11.83 14.48
N PHE B 68 -10.22 -11.61 14.99
CA PHE B 68 -9.75 -12.43 16.08
C PHE B 68 -8.72 -11.72 16.92
N GLU B 69 -8.54 -12.24 18.13
CA GLU B 69 -7.56 -11.72 19.02
C GLU B 69 -6.90 -12.89 19.75
N THR B 70 -5.59 -12.84 19.86
CA THR B 70 -4.89 -13.89 20.57
C THR B 70 -3.79 -13.28 21.44
N ARG B 71 -3.65 -13.79 22.65
CA ARG B 71 -2.64 -13.33 23.57
C ARG B 71 -1.89 -14.53 24.08
N PHE B 72 -0.58 -14.35 24.26
CA PHE B 72 0.24 -15.42 24.82
C PHE B 72 1.50 -14.85 25.42
N SER B 73 2.12 -15.64 26.28
CA SER B 73 3.36 -15.23 26.90
C SER B 73 4.40 -16.25 26.52
N PHE B 74 5.60 -15.79 26.20
CA PHE B 74 6.66 -16.72 25.89
C PHE B 74 7.92 -16.26 26.56
N SER B 75 8.94 -17.10 26.48
CA SER B 75 10.21 -16.81 27.07
C SER B 75 11.30 -17.45 26.23
N ILE B 76 12.31 -16.67 25.90
CA ILE B 76 13.42 -17.17 25.13
C ILE B 76 14.64 -16.93 25.98
N ARG B 77 15.34 -18.00 26.34
CA ARG B 77 16.54 -17.90 27.12
C ARG B 77 17.70 -18.23 26.19
N GLN B 78 18.68 -17.34 26.17
CA GLN B 78 19.86 -17.52 25.33
C GLN B 78 21.08 -17.76 26.23
N PRO B 79 21.40 -19.03 26.49
CA PRO B 79 22.55 -19.41 27.34
C PRO B 79 23.90 -19.05 26.73
N PHE B 80 24.02 -19.23 25.41
CA PHE B 80 25.27 -18.99 24.72
C PHE B 80 25.27 -17.75 23.85
N PRO B 81 25.80 -16.64 24.37
CA PRO B 81 25.80 -15.41 23.56
C PRO B 81 26.57 -15.48 22.24
N ARG B 82 27.70 -16.20 22.22
CA ARG B 82 28.48 -16.31 20.99
C ARG B 82 28.39 -17.71 20.41
N PRO B 83 28.45 -17.82 19.09
CA PRO B 83 28.60 -16.70 18.17
C PRO B 83 27.26 -16.12 17.70
N HIS B 84 26.16 -16.82 17.94
CA HIS B 84 24.83 -16.32 17.53
C HIS B 84 23.70 -17.30 17.84
N PRO B 85 22.77 -16.92 18.73
CA PRO B 85 21.67 -17.85 19.03
C PRO B 85 20.77 -17.95 17.77
N ALA B 86 19.94 -18.99 17.70
CA ALA B 86 19.03 -19.21 16.57
C ALA B 86 17.88 -20.14 16.99
N ASP B 87 16.73 -20.10 16.30
CA ASP B 87 16.45 -19.20 15.16
C ASP B 87 15.31 -18.27 15.48
N GLY B 88 14.40 -18.72 16.33
CA GLY B 88 13.25 -17.89 16.69
C GLY B 88 11.97 -18.70 16.72
N LEU B 89 10.86 -18.04 17.04
CA LEU B 89 9.59 -18.72 17.10
C LEU B 89 8.52 -17.89 16.40
N VAL B 90 7.45 -18.55 16.00
CA VAL B 90 6.38 -17.85 15.33
C VAL B 90 5.01 -18.31 15.77
N PHE B 91 4.02 -17.45 15.53
CA PHE B 91 2.63 -17.78 15.79
C PHE B 91 2.17 -17.84 14.35
N PHE B 92 1.49 -18.91 13.95
CA PHE B 92 1.05 -18.99 12.58
C PHE B 92 -0.35 -19.52 12.39
N ILE B 93 -0.88 -19.29 11.19
CA ILE B 93 -2.21 -19.73 10.78
C ILE B 93 -1.93 -20.41 9.45
N ALA B 94 -2.34 -21.67 9.31
CA ALA B 94 -2.12 -22.43 8.10
C ALA B 94 -3.28 -23.38 7.81
N PRO B 95 -3.29 -24.00 6.62
CA PRO B 95 -4.37 -24.93 6.29
C PRO B 95 -4.23 -26.09 7.27
N PRO B 96 -5.33 -26.81 7.54
CA PRO B 96 -5.21 -27.93 8.49
C PRO B 96 -4.48 -29.14 7.92
N ASN B 97 -4.06 -30.00 8.84
CA ASN B 97 -3.35 -31.23 8.48
C ASN B 97 -2.06 -31.00 7.71
N THR B 98 -1.27 -29.99 8.10
CA THR B 98 -0.02 -29.73 7.41
C THR B 98 1.06 -30.42 8.21
N GLN B 99 2.27 -30.45 7.67
CA GLN B 99 3.39 -31.08 8.36
C GLN B 99 4.52 -30.09 8.62
N THR B 100 5.34 -30.38 9.64
CA THR B 100 6.46 -29.52 9.97
C THR B 100 7.31 -29.30 8.71
N GLY B 101 7.64 -28.05 8.43
CA GLY B 101 8.44 -27.75 7.26
C GLY B 101 9.87 -27.81 7.63
N GLU B 102 10.72 -27.13 6.87
CA GLU B 102 12.15 -27.07 7.11
C GLU B 102 12.46 -26.30 8.42
N GLY B 103 13.56 -26.67 9.06
CA GLY B 103 13.95 -26.02 10.28
C GLY B 103 14.73 -24.75 10.04
N GLY B 104 15.68 -24.46 10.91
CA GLY B 104 16.49 -23.27 10.77
C GLY B 104 15.67 -21.98 10.64
N GLY B 105 16.13 -21.11 9.74
CA GLY B 105 15.48 -19.84 9.53
C GLY B 105 14.10 -19.94 8.92
N TYR B 106 13.64 -21.16 8.67
CA TYR B 106 12.30 -21.38 8.12
C TYR B 106 11.35 -21.71 9.26
N PHE B 107 11.88 -21.75 10.48
CA PHE B 107 11.08 -21.98 11.68
C PHE B 107 10.22 -23.21 11.73
N GLY B 108 10.25 -24.04 10.68
CA GLY B 108 9.41 -25.21 10.68
C GLY B 108 8.06 -25.00 10.03
N ILE B 109 7.84 -23.83 9.40
CA ILE B 109 6.54 -23.60 8.76
C ILE B 109 6.63 -23.55 7.24
N TYR B 110 7.83 -23.37 6.74
CA TYR B 110 8.03 -23.31 5.31
C TYR B 110 8.61 -24.60 4.76
N ASN B 111 7.98 -25.13 3.72
CA ASN B 111 8.43 -26.35 3.06
C ASN B 111 8.65 -26.02 1.59
N PRO B 112 9.89 -25.79 1.18
CA PRO B 112 10.24 -25.46 -0.21
C PRO B 112 9.73 -26.51 -1.20
N LEU B 113 9.85 -27.78 -0.84
CA LEU B 113 9.42 -28.86 -1.71
C LEU B 113 7.94 -28.73 -2.07
N SER B 114 7.08 -28.55 -1.06
CA SER B 114 5.64 -28.43 -1.28
C SER B 114 5.06 -27.36 -0.35
N PRO B 115 5.25 -26.09 -0.71
CA PRO B 115 4.78 -24.93 0.04
C PRO B 115 3.26 -24.85 0.23
N TYR B 116 2.82 -24.57 1.45
CA TYR B 116 1.40 -24.38 1.71
C TYR B 116 1.31 -22.94 2.19
N PRO B 117 0.17 -22.31 1.96
CA PRO B 117 0.01 -20.90 2.38
C PRO B 117 -0.04 -20.74 3.90
N PHE B 118 0.36 -19.57 4.37
CA PHE B 118 0.32 -19.29 5.79
C PHE B 118 0.51 -17.83 6.12
N VAL B 119 -0.03 -17.42 7.26
CA VAL B 119 0.20 -16.08 7.76
C VAL B 119 0.88 -16.32 9.13
N ALA B 120 1.95 -15.62 9.43
CA ALA B 120 2.60 -15.78 10.70
C ALA B 120 3.22 -14.49 11.23
N VAL B 121 3.42 -14.45 12.54
CA VAL B 121 4.08 -13.36 13.20
C VAL B 121 5.33 -14.01 13.77
N GLU B 122 6.49 -13.56 13.35
CA GLU B 122 7.75 -14.16 13.82
C GLU B 122 8.49 -13.30 14.82
N PHE B 123 9.27 -13.97 15.65
CA PHE B 123 10.12 -13.33 16.64
C PHE B 123 11.43 -14.01 16.28
N ASP B 124 12.10 -13.40 15.33
CA ASP B 124 13.33 -13.87 14.72
C ASP B 124 14.57 -13.45 15.48
N THR B 125 15.43 -14.44 15.80
CA THR B 125 16.63 -14.16 16.54
C THR B 125 17.93 -14.40 15.75
N PHE B 126 17.83 -14.95 14.55
CA PHE B 126 19.01 -15.18 13.75
C PHE B 126 18.89 -14.47 12.42
N ARG B 127 19.95 -13.78 12.04
CA ARG B 127 19.93 -13.03 10.80
C ARG B 127 20.34 -13.81 9.58
N ASN B 128 19.34 -14.25 8.82
CA ASN B 128 19.57 -14.99 7.60
C ASN B 128 19.86 -13.98 6.48
N THR B 129 20.23 -14.45 5.30
CA THR B 129 20.56 -13.55 4.20
C THR B 129 19.42 -12.59 3.87
N TRP B 130 18.18 -13.03 4.04
CA TRP B 130 17.00 -12.22 3.74
C TRP B 130 16.52 -11.35 4.89
N ASP B 131 17.21 -11.41 6.02
CA ASP B 131 16.76 -10.67 7.20
C ASP B 131 17.45 -9.36 7.49
N PRO B 132 16.75 -8.48 8.22
CA PRO B 132 17.27 -7.17 8.62
C PRO B 132 17.90 -7.50 9.97
N GLN B 133 18.46 -6.52 10.67
CA GLN B 133 19.03 -6.74 11.97
C GLN B 133 18.09 -7.53 12.91
N ILE B 134 18.66 -8.34 13.79
CA ILE B 134 17.88 -9.12 14.74
C ILE B 134 18.21 -8.68 16.16
N PRO B 135 17.32 -8.98 17.11
CA PRO B 135 16.05 -9.67 16.87
C PRO B 135 15.06 -8.71 16.27
N HIS B 136 14.03 -9.27 15.63
CA HIS B 136 12.99 -8.43 15.09
C HIS B 136 11.65 -9.14 15.06
N ILE B 137 10.58 -8.36 15.09
CA ILE B 137 9.25 -8.92 14.96
C ILE B 137 9.01 -8.80 13.47
N GLY B 138 8.32 -9.76 12.89
CA GLY B 138 8.03 -9.66 11.48
C GLY B 138 6.68 -10.24 11.13
N ILE B 139 6.06 -9.71 10.09
CA ILE B 139 4.78 -10.22 9.66
C ILE B 139 5.06 -10.97 8.38
N ASP B 140 4.76 -12.27 8.36
CA ASP B 140 5.02 -13.10 7.20
C ASP B 140 3.75 -13.59 6.50
N VAL B 141 3.73 -13.48 5.18
CA VAL B 141 2.62 -13.97 4.39
C VAL B 141 3.17 -14.89 3.29
N ASN B 142 2.97 -16.21 3.44
CA ASN B 142 3.42 -17.24 2.50
C ASN B 142 4.92 -17.36 2.33
N SER B 143 5.68 -16.66 3.14
CA SER B 143 7.13 -16.77 3.06
C SER B 143 7.72 -16.15 4.31
N VAL B 144 8.98 -16.47 4.59
CA VAL B 144 9.64 -15.90 5.74
C VAL B 144 10.35 -14.59 5.43
N ILE B 145 10.11 -14.06 4.24
CA ILE B 145 10.66 -12.76 3.88
C ILE B 145 9.53 -11.78 4.25
N SER B 146 9.58 -11.29 5.48
CA SER B 146 8.57 -10.40 6.05
C SER B 146 8.12 -9.19 5.22
N THR B 147 6.82 -8.93 5.24
CA THR B 147 6.30 -7.77 4.54
C THR B 147 6.67 -6.54 5.39
N LYS B 148 6.68 -6.70 6.70
CA LYS B 148 6.98 -5.59 7.60
C LYS B 148 7.85 -6.17 8.73
N THR B 149 8.73 -5.35 9.27
CA THR B 149 9.64 -5.78 10.31
C THR B 149 9.92 -4.64 11.31
N VAL B 150 10.21 -4.98 12.55
CA VAL B 150 10.56 -3.99 13.54
C VAL B 150 11.52 -4.68 14.51
N PRO B 151 12.59 -3.98 14.92
CA PRO B 151 13.54 -4.58 15.84
C PRO B 151 13.12 -4.45 17.29
N PHE B 152 13.63 -5.36 18.12
CA PHE B 152 13.36 -5.33 19.55
C PHE B 152 14.56 -5.88 20.31
N THR B 153 14.67 -5.53 21.57
CA THR B 153 15.75 -6.03 22.37
C THR B 153 15.13 -7.06 23.33
N LEU B 154 15.62 -8.29 23.23
CA LEU B 154 15.14 -9.38 24.03
C LEU B 154 15.50 -9.31 25.51
N ASP B 155 14.59 -9.71 26.37
CA ASP B 155 14.87 -9.79 27.79
C ASP B 155 15.26 -11.26 27.93
N ASN B 156 16.56 -11.52 27.91
CA ASN B 156 17.08 -12.87 27.99
C ASN B 156 16.51 -13.69 29.13
N GLY B 157 15.72 -14.70 28.80
CA GLY B 157 15.16 -15.54 29.83
C GLY B 157 13.97 -14.93 30.55
N GLY B 158 13.60 -13.71 30.16
CA GLY B 158 12.48 -13.06 30.81
C GLY B 158 11.15 -13.46 30.18
N ILE B 159 10.06 -12.92 30.71
CA ILE B 159 8.73 -13.21 30.18
C ILE B 159 8.32 -12.12 29.21
N ALA B 160 7.69 -12.51 28.12
CA ALA B 160 7.26 -11.55 27.12
C ALA B 160 5.77 -11.72 26.90
N ASN B 161 5.04 -10.62 26.82
CA ASN B 161 3.60 -10.68 26.58
C ASN B 161 3.33 -10.19 25.19
N VAL B 162 2.56 -10.97 24.46
CA VAL B 162 2.21 -10.60 23.11
C VAL B 162 0.71 -10.52 22.91
N VAL B 163 0.30 -9.54 22.13
CA VAL B 163 -1.11 -9.36 21.78
C VAL B 163 -1.19 -9.25 20.26
N ILE B 164 -1.94 -10.14 19.63
CA ILE B 164 -2.07 -10.09 18.20
C ILE B 164 -3.56 -9.90 17.96
N LYS B 165 -3.88 -8.91 17.12
CA LYS B 165 -5.27 -8.60 16.86
C LYS B 165 -5.49 -8.41 15.36
N TYR B 166 -6.60 -8.94 14.86
CA TYR B 166 -6.92 -8.81 13.46
C TYR B 166 -8.33 -8.28 13.32
N ASP B 167 -8.48 -7.16 12.63
CA ASP B 167 -9.79 -6.56 12.43
C ASP B 167 -10.21 -6.73 10.98
N ALA B 168 -11.21 -7.58 10.73
CA ALA B 168 -11.66 -7.88 9.37
C ALA B 168 -12.15 -6.67 8.59
N SER B 169 -12.72 -5.71 9.28
CA SER B 169 -13.25 -4.54 8.58
C SER B 169 -12.18 -3.68 7.96
N THR B 170 -11.00 -3.64 8.57
CA THR B 170 -9.89 -2.83 8.05
C THR B 170 -8.76 -3.66 7.48
N LYS B 171 -8.80 -4.97 7.74
CA LYS B 171 -7.76 -5.90 7.30
C LYS B 171 -6.42 -5.57 7.98
N ILE B 172 -6.49 -4.93 9.14
CA ILE B 172 -5.30 -4.59 9.85
C ILE B 172 -4.93 -5.68 10.86
N LEU B 173 -3.68 -6.11 10.79
CA LEU B 173 -3.16 -7.11 11.71
C LEU B 173 -2.14 -6.34 12.55
N HIS B 174 -2.44 -6.14 13.82
CA HIS B 174 -1.53 -5.45 14.68
C HIS B 174 -1.04 -6.32 15.81
N VAL B 175 0.26 -6.30 16.03
CA VAL B 175 0.83 -7.07 17.09
C VAL B 175 1.58 -6.17 18.05
N VAL B 176 1.47 -6.49 19.34
CA VAL B 176 2.11 -5.73 20.39
C VAL B 176 2.96 -6.71 21.17
N LEU B 177 4.19 -6.32 21.47
CA LEU B 177 5.12 -7.12 22.25
C LEU B 177 5.59 -6.31 23.46
N VAL B 178 5.38 -6.86 24.65
CA VAL B 178 5.77 -6.20 25.87
C VAL B 178 6.65 -7.08 26.78
N PHE B 179 7.67 -6.47 27.36
CA PHE B 179 8.54 -7.16 28.29
C PHE B 179 8.30 -6.44 29.61
N PRO B 180 7.36 -6.94 30.42
CA PRO B 180 7.03 -6.32 31.70
C PRO B 180 8.21 -6.03 32.63
N SER B 181 9.20 -6.91 32.72
CA SER B 181 10.34 -6.60 33.59
C SER B 181 11.12 -5.39 33.13
N LEU B 182 11.19 -5.14 31.83
CA LEU B 182 11.93 -4.02 31.31
C LEU B 182 11.02 -2.81 31.02
N GLY B 183 9.72 -3.06 30.94
CA GLY B 183 8.78 -1.99 30.64
C GLY B 183 8.83 -1.56 29.18
N THR B 184 9.51 -2.33 28.32
CA THR B 184 9.64 -1.96 26.91
C THR B 184 8.42 -2.40 26.09
N ILE B 185 8.04 -1.59 25.11
CA ILE B 185 6.89 -1.86 24.27
C ILE B 185 7.22 -1.74 22.78
N TYR B 186 6.90 -2.77 22.02
CA TYR B 186 7.18 -2.75 20.59
C TYR B 186 5.90 -3.02 19.85
N THR B 187 5.71 -2.34 18.74
CA THR B 187 4.49 -2.52 17.99
C THR B 187 4.70 -2.51 16.49
N ILE B 188 3.89 -3.30 15.81
CA ILE B 188 3.98 -3.40 14.36
C ILE B 188 2.64 -3.76 13.81
N ALA B 189 2.32 -3.28 12.62
CA ALA B 189 1.02 -3.55 12.03
C ALA B 189 1.17 -3.59 10.52
N ASP B 190 0.22 -4.23 9.85
CA ASP B 190 0.24 -4.31 8.40
C ASP B 190 -1.13 -4.72 7.90
N ILE B 191 -1.36 -4.56 6.60
CA ILE B 191 -2.63 -4.95 6.02
C ILE B 191 -2.49 -6.35 5.41
N VAL B 192 -3.38 -7.24 5.80
CA VAL B 192 -3.35 -8.61 5.33
C VAL B 192 -4.78 -9.04 5.06
N ASP B 193 -5.02 -9.53 3.86
CA ASP B 193 -6.34 -9.99 3.47
C ASP B 193 -6.37 -11.51 3.60
N LEU B 194 -6.79 -12.00 4.77
CA LEU B 194 -6.86 -13.43 5.03
C LEU B 194 -7.59 -14.23 3.96
N LYS B 195 -8.74 -13.70 3.55
CA LYS B 195 -9.61 -14.33 2.57
C LYS B 195 -8.86 -14.61 1.29
N GLN B 196 -7.90 -13.75 0.98
CA GLN B 196 -7.13 -13.89 -0.25
C GLN B 196 -5.96 -14.87 -0.16
N VAL B 197 -5.50 -15.19 1.05
CA VAL B 197 -4.35 -16.08 1.16
C VAL B 197 -4.66 -17.45 1.75
N LEU B 198 -5.58 -17.52 2.68
CA LEU B 198 -5.90 -18.78 3.34
C LEU B 198 -7.28 -19.36 2.99
N PRO B 199 -7.47 -20.67 3.26
CA PRO B 199 -8.75 -21.35 3.00
C PRO B 199 -9.72 -20.99 4.12
N GLU B 200 -10.97 -21.41 4.02
CA GLU B 200 -11.95 -21.07 5.05
C GLU B 200 -11.63 -21.69 6.42
N SER B 201 -11.09 -22.90 6.44
CA SER B 201 -10.73 -23.54 7.68
C SER B 201 -9.23 -23.62 7.83
N VAL B 202 -8.74 -23.32 9.03
CA VAL B 202 -7.32 -23.32 9.29
C VAL B 202 -6.99 -23.81 10.67
N ASN B 203 -5.68 -23.94 10.91
CA ASN B 203 -5.15 -24.34 12.23
C ASN B 203 -4.36 -23.12 12.72
N VAL B 204 -4.34 -22.94 14.03
CA VAL B 204 -3.58 -21.85 14.59
C VAL B 204 -2.65 -22.52 15.58
N GLY B 205 -1.44 -22.01 15.72
CA GLY B 205 -0.48 -22.60 16.64
C GLY B 205 0.89 -21.93 16.61
N PHE B 206 1.87 -22.61 17.20
CA PHE B 206 3.22 -22.09 17.26
C PHE B 206 4.21 -23.04 16.63
N SER B 207 5.35 -22.49 16.22
CA SER B 207 6.42 -23.28 15.64
C SER B 207 7.75 -22.61 15.94
N ALA B 208 8.78 -23.40 16.13
CA ALA B 208 10.07 -22.79 16.43
C ALA B 208 11.20 -23.73 16.02
N ALA B 209 12.42 -23.21 15.98
CA ALA B 209 13.55 -24.05 15.60
C ALA B 209 14.86 -23.47 16.11
N THR B 210 15.83 -24.35 16.32
CA THR B 210 17.15 -23.90 16.73
C THR B 210 18.08 -24.11 15.54
N GLY B 211 19.34 -23.70 15.69
CA GLY B 211 20.31 -23.80 14.63
C GLY B 211 20.32 -25.07 13.82
N ASP B 212 20.41 -24.93 12.50
CA ASP B 212 20.46 -26.07 11.62
C ASP B 212 21.90 -26.58 11.59
N PRO B 213 22.08 -27.91 11.51
CA PRO B 213 23.41 -28.50 11.47
C PRO B 213 24.33 -27.91 10.40
N SER B 214 23.75 -27.53 9.26
CA SER B 214 24.52 -26.96 8.17
C SER B 214 25.36 -25.77 8.61
N GLY B 215 24.93 -25.12 9.69
CA GLY B 215 25.65 -23.96 10.20
C GLY B 215 26.92 -24.33 10.94
N LYS B 216 27.03 -25.61 11.28
CA LYS B 216 28.20 -26.14 11.97
C LYS B 216 28.50 -25.49 13.30
N GLN B 217 27.46 -25.03 13.98
CA GLN B 217 27.59 -24.37 15.28
C GLN B 217 26.57 -24.92 16.28
N ARG B 218 27.04 -25.66 17.27
CA ARG B 218 26.14 -26.25 18.27
C ARG B 218 25.62 -25.19 19.26
N ASN B 219 26.22 -24.02 19.23
CA ASN B 219 25.83 -22.90 20.11
C ASN B 219 24.69 -22.11 19.51
N ALA B 220 24.35 -22.41 18.26
CA ALA B 220 23.24 -21.69 17.60
C ALA B 220 21.94 -22.27 18.14
N THR B 221 21.60 -21.90 19.37
CA THR B 221 20.41 -22.44 19.98
C THR B 221 19.88 -21.54 21.08
N GLU B 222 18.70 -21.87 21.60
CA GLU B 222 18.07 -21.10 22.65
C GLU B 222 16.76 -21.85 22.96
N THR B 223 16.09 -21.44 24.02
CA THR B 223 14.81 -22.07 24.32
C THR B 223 13.70 -21.30 23.63
N HIS B 224 12.56 -21.95 23.44
CA HIS B 224 11.39 -21.31 22.87
C HIS B 224 10.18 -21.81 23.66
N ASP B 225 9.96 -21.23 24.83
CA ASP B 225 8.85 -21.66 25.67
C ASP B 225 7.61 -20.78 25.62
N ILE B 226 6.45 -21.43 25.57
CA ILE B 226 5.16 -20.75 25.60
C ILE B 226 4.59 -20.96 27.02
N LEU B 227 4.30 -19.88 27.74
CA LEU B 227 3.78 -19.98 29.10
C LEU B 227 2.27 -20.05 29.19
N SER B 228 1.58 -19.31 28.34
CA SER B 228 0.11 -19.36 28.37
C SER B 228 -0.41 -18.93 27.00
N TRP B 229 -1.70 -19.12 26.76
CA TRP B 229 -2.23 -18.75 25.46
C TRP B 229 -3.73 -18.73 25.40
N SER B 230 -4.29 -17.65 24.89
CA SER B 230 -5.75 -17.54 24.75
C SER B 230 -6.03 -17.08 23.32
N PHE B 231 -7.14 -17.53 22.74
CA PHE B 231 -7.47 -17.18 21.36
C PHE B 231 -8.94 -16.90 21.34
N SER B 232 -9.36 -16.05 20.41
CA SER B 232 -10.76 -15.69 20.28
C SER B 232 -11.03 -15.21 18.85
N ALA B 233 -12.11 -15.72 18.24
CA ALA B 233 -12.46 -15.34 16.87
C ALA B 233 -13.96 -15.20 16.73
N SER B 234 -14.38 -14.18 15.97
CA SER B 234 -15.81 -13.91 15.72
C SER B 234 -16.10 -13.87 14.24
N LEU B 235 -16.89 -14.83 13.76
CA LEU B 235 -17.24 -14.89 12.35
C LEU B 235 -18.73 -14.58 12.21
N PRO B 236 -19.10 -13.31 12.01
CA PRO B 236 -20.53 -13.00 11.88
C PRO B 236 -21.17 -13.83 10.75
N GLY B 237 -21.95 -14.82 11.15
CA GLY B 237 -22.61 -15.73 10.21
C GLY B 237 -21.77 -16.98 9.90
N LYS C 1 19.76 4.53 -3.81
CA LYS C 1 20.68 4.21 -4.95
C LYS C 1 19.94 4.31 -6.28
N THR C 2 20.63 4.87 -7.27
CA THR C 2 20.05 5.02 -8.59
C THR C 2 20.91 4.48 -9.71
N ILE C 3 20.26 3.89 -10.68
CA ILE C 3 20.95 3.34 -11.81
C ILE C 3 20.12 3.63 -13.07
N SER C 4 20.79 4.07 -14.12
CA SER C 4 20.13 4.35 -15.38
C SER C 4 21.10 4.20 -16.54
N PHE C 5 20.58 3.76 -17.66
CA PHE C 5 21.40 3.60 -18.84
C PHE C 5 20.50 3.73 -20.04
N ASN C 6 21.05 4.28 -21.12
CA ASN C 6 20.32 4.51 -22.33
C ASN C 6 21.07 4.02 -23.57
N PHE C 7 20.31 3.52 -24.54
CA PHE C 7 20.83 3.01 -25.79
C PHE C 7 19.93 3.58 -26.87
N ASN C 8 20.45 4.54 -27.64
CA ASN C 8 19.66 5.10 -28.73
C ASN C 8 19.81 4.16 -29.90
N GLN C 9 20.98 3.50 -29.96
CA GLN C 9 21.29 2.54 -31.00
C GLN C 9 22.31 1.58 -30.39
N PHE C 10 22.52 0.43 -31.03
CA PHE C 10 23.49 -0.55 -30.50
C PHE C 10 24.75 -0.69 -31.37
N HIS C 11 25.91 -0.48 -30.76
CA HIS C 11 27.17 -0.57 -31.49
C HIS C 11 27.74 -1.96 -31.27
N GLN C 12 28.49 -2.45 -32.27
CA GLN C 12 29.12 -3.75 -32.16
C GLN C 12 30.17 -3.65 -31.06
N ASN C 13 30.52 -4.80 -30.47
CA ASN C 13 31.51 -4.83 -29.42
C ASN C 13 31.12 -3.90 -28.25
N GLU C 14 29.82 -3.71 -28.06
CA GLU C 14 29.28 -2.89 -26.97
C GLU C 14 29.58 -3.57 -25.64
N GLU C 15 30.37 -2.90 -24.79
CA GLU C 15 30.77 -3.43 -23.49
C GLU C 15 29.67 -3.57 -22.46
N GLN C 16 28.67 -2.71 -22.58
CA GLN C 16 27.57 -2.70 -21.61
C GLN C 16 26.61 -3.84 -21.78
N LEU C 17 26.72 -4.57 -22.88
CA LEU C 17 25.82 -5.69 -23.16
C LEU C 17 26.50 -7.04 -23.07
N LYS C 18 25.71 -8.05 -22.72
CA LYS C 18 26.18 -9.42 -22.62
C LYS C 18 25.32 -10.16 -23.62
N LEU C 19 25.88 -10.57 -24.75
CA LEU C 19 25.11 -11.30 -25.74
C LEU C 19 25.26 -12.79 -25.54
N GLN C 20 24.17 -13.54 -25.67
CA GLN C 20 24.23 -14.98 -25.47
C GLN C 20 23.56 -15.70 -26.63
N ARG C 21 24.06 -16.90 -26.93
CA ARG C 21 23.56 -17.71 -28.04
C ARG C 21 23.55 -16.97 -29.37
N ASP C 22 22.44 -16.99 -30.09
CA ASP C 22 22.37 -16.35 -31.41
C ASP C 22 22.24 -14.82 -31.46
N ALA C 23 22.15 -14.17 -30.31
CA ALA C 23 22.01 -12.72 -30.33
C ALA C 23 23.23 -12.01 -30.90
N ARG C 24 22.98 -11.00 -31.73
CA ARG C 24 24.07 -10.22 -32.30
C ARG C 24 23.63 -8.89 -32.81
N ILE C 25 24.57 -7.96 -32.85
CA ILE C 25 24.29 -6.60 -33.31
C ILE C 25 24.64 -6.44 -34.77
N SER C 26 23.67 -5.99 -35.56
CA SER C 26 23.86 -5.79 -37.00
C SER C 26 24.70 -4.57 -37.25
N SER C 27 25.21 -4.45 -38.48
CA SER C 27 26.04 -3.31 -38.85
C SER C 27 25.23 -2.02 -38.83
N ASN C 28 23.93 -2.11 -39.13
CA ASN C 28 23.13 -0.90 -39.08
C ASN C 28 22.56 -0.57 -37.68
N SER C 29 23.24 -1.10 -36.66
CA SER C 29 22.89 -0.82 -35.26
C SER C 29 21.72 -1.47 -34.52
N VAL C 30 21.12 -2.52 -35.06
CA VAL C 30 20.01 -3.15 -34.37
C VAL C 30 20.42 -4.42 -33.64
N LEU C 31 19.82 -4.65 -32.47
CA LEU C 31 20.09 -5.82 -31.64
C LEU C 31 19.21 -6.94 -32.12
N GLU C 32 19.77 -7.88 -32.86
CA GLU C 32 18.96 -8.99 -33.35
C GLU C 32 19.06 -10.17 -32.38
N LEU C 33 17.98 -10.41 -31.64
CA LEU C 33 17.98 -11.48 -30.66
C LEU C 33 18.10 -12.86 -31.29
N THR C 34 17.37 -13.08 -32.38
CA THR C 34 17.43 -14.36 -33.05
C THR C 34 18.05 -14.27 -34.45
N LYS C 35 18.61 -15.39 -34.88
CA LYS C 35 19.31 -15.52 -36.13
C LYS C 35 18.56 -15.11 -37.41
N VAL C 36 19.22 -14.29 -38.23
CA VAL C 36 18.68 -13.90 -39.51
C VAL C 36 19.82 -13.96 -40.53
N VAL C 37 19.68 -14.84 -41.51
CA VAL C 37 20.72 -15.01 -42.53
C VAL C 37 20.29 -14.46 -43.89
N ASN C 38 21.05 -13.50 -44.40
CA ASN C 38 20.75 -12.93 -45.69
C ASN C 38 19.31 -12.37 -45.70
N GLY C 39 18.96 -11.63 -44.67
CA GLY C 39 17.64 -11.03 -44.59
C GLY C 39 16.50 -11.98 -44.30
N VAL C 40 16.82 -13.23 -44.02
CA VAL C 40 15.79 -14.23 -43.76
C VAL C 40 15.93 -14.83 -42.36
N PRO C 41 14.87 -14.75 -41.54
CA PRO C 41 14.96 -15.32 -40.19
C PRO C 41 14.88 -16.84 -40.26
N THR C 42 15.63 -17.52 -39.41
CA THR C 42 15.64 -18.98 -39.39
C THR C 42 15.00 -19.54 -38.14
N TRP C 43 14.69 -20.84 -38.17
CA TRP C 43 14.07 -21.51 -37.05
C TRP C 43 15.18 -22.02 -36.16
N ASN C 44 14.80 -22.72 -35.09
CA ASN C 44 15.77 -23.29 -34.15
C ASN C 44 16.76 -22.27 -33.63
N SER C 45 16.30 -21.05 -33.40
CA SER C 45 17.17 -20.00 -32.90
C SER C 45 16.75 -19.46 -31.52
N THR C 46 17.77 -19.17 -30.70
CA THR C 46 17.54 -18.65 -29.37
C THR C 46 18.66 -17.67 -29.06
N GLY C 47 18.33 -16.53 -28.45
CA GLY C 47 19.34 -15.55 -28.10
C GLY C 47 18.89 -14.60 -27.00
N ARG C 48 19.85 -14.12 -26.22
CA ARG C 48 19.56 -13.21 -25.12
C ARG C 48 20.56 -12.06 -25.10
N ALA C 49 20.17 -10.98 -24.41
CA ALA C 49 21.01 -9.80 -24.28
C ALA C 49 20.76 -9.25 -22.89
N LEU C 50 21.79 -9.26 -22.06
CA LEU C 50 21.71 -8.77 -20.68
C LEU C 50 22.53 -7.49 -20.49
N TYR C 51 22.11 -6.64 -19.57
CA TYR C 51 22.88 -5.46 -19.27
C TYR C 51 24.03 -6.05 -18.47
N ALA C 52 25.26 -5.71 -18.81
CA ALA C 52 26.44 -6.28 -18.15
C ALA C 52 26.53 -6.15 -16.63
N LYS C 53 25.99 -5.09 -16.06
CA LYS C 53 26.06 -4.89 -14.63
C LYS C 53 24.77 -5.28 -13.91
N PRO C 54 24.89 -5.90 -12.73
CA PRO C 54 23.70 -6.30 -11.98
C PRO C 54 23.06 -5.07 -11.33
N VAL C 55 21.75 -5.11 -11.15
CA VAL C 55 21.05 -4.01 -10.51
C VAL C 55 20.42 -4.52 -9.21
N GLN C 56 20.40 -3.69 -8.19
CA GLN C 56 19.81 -4.06 -6.93
C GLN C 56 18.34 -3.66 -6.93
N VAL C 57 17.45 -4.65 -6.90
CA VAL C 57 16.01 -4.39 -6.90
C VAL C 57 15.44 -4.22 -5.50
N TRP C 58 16.13 -4.73 -4.49
CA TRP C 58 15.70 -4.56 -3.10
C TRP C 58 16.87 -4.75 -2.15
N ASP C 59 16.71 -4.26 -0.93
CA ASP C 59 17.76 -4.30 0.07
C ASP C 59 17.28 -5.00 1.35
N SER C 60 17.93 -6.11 1.69
CA SER C 60 17.52 -6.87 2.88
C SER C 60 17.74 -6.14 4.20
N THR C 61 18.62 -5.14 4.23
CA THR C 61 18.85 -4.41 5.46
C THR C 61 17.72 -3.45 5.81
N THR C 62 17.26 -2.68 4.83
CA THR C 62 16.16 -1.73 5.06
C THR C 62 14.79 -2.34 4.70
N GLY C 63 14.82 -3.39 3.88
CA GLY C 63 13.57 -4.02 3.47
C GLY C 63 12.94 -3.28 2.28
N ASN C 64 13.55 -2.18 1.88
CA ASN C 64 13.04 -1.39 0.78
C ASN C 64 13.17 -2.06 -0.59
N VAL C 65 12.18 -1.83 -1.46
CA VAL C 65 12.17 -2.39 -2.79
C VAL C 65 12.29 -1.25 -3.79
N ALA C 66 12.91 -1.53 -4.93
CA ALA C 66 13.12 -0.51 -5.95
C ALA C 66 11.97 -0.34 -6.87
N SER C 67 11.83 0.87 -7.39
CA SER C 67 10.82 1.18 -8.41
C SER C 67 11.67 1.32 -9.68
N PHE C 68 11.10 1.00 -10.83
CA PHE C 68 11.89 1.16 -12.04
C PHE C 68 11.00 1.42 -13.22
N GLU C 69 11.61 1.92 -14.28
CA GLU C 69 10.92 2.21 -15.51
C GLU C 69 11.86 1.88 -16.66
N THR C 70 11.36 1.19 -17.66
CA THR C 70 12.15 0.86 -18.80
C THR C 70 11.34 1.05 -20.09
N ARG C 71 11.98 1.60 -21.10
CA ARG C 71 11.33 1.82 -22.37
C ARG C 71 12.21 1.26 -23.46
N PHE C 72 11.57 0.66 -24.47
CA PHE C 72 12.31 0.13 -25.57
C PHE C 72 11.44 0.03 -26.80
N SER C 73 12.08 -0.08 -27.96
CA SER C 73 11.37 -0.23 -29.23
C SER C 73 11.85 -1.54 -29.85
N PHE C 74 10.93 -2.29 -30.43
CA PHE C 74 11.30 -3.53 -31.05
C PHE C 74 10.53 -3.64 -32.33
N SER C 75 10.91 -4.62 -33.13
CA SER C 75 10.23 -4.84 -34.38
C SER C 75 10.25 -6.35 -34.64
N ILE C 76 9.10 -6.88 -35.01
CA ILE C 76 9.00 -8.29 -35.33
C ILE C 76 8.46 -8.36 -36.73
N ARG C 77 9.23 -8.94 -37.65
CA ARG C 77 8.77 -9.08 -39.02
C ARG C 77 8.48 -10.56 -39.24
N GLN C 78 7.29 -10.85 -39.75
CA GLN C 78 6.86 -12.23 -40.02
C GLN C 78 6.74 -12.38 -41.54
N PRO C 79 7.81 -12.91 -42.16
CA PRO C 79 7.92 -13.14 -43.60
C PRO C 79 7.05 -14.31 -44.05
N PHE C 80 6.90 -15.31 -43.19
CA PHE C 80 6.11 -16.48 -43.53
C PHE C 80 4.82 -16.54 -42.74
N PRO C 81 3.75 -15.95 -43.27
CA PRO C 81 2.46 -15.96 -42.57
C PRO C 81 1.97 -17.37 -42.22
N ARG C 82 2.23 -18.32 -43.11
CA ARG C 82 1.81 -19.70 -42.85
C ARG C 82 3.02 -20.63 -42.72
N PRO C 83 2.89 -21.67 -41.90
CA PRO C 83 1.68 -22.00 -41.14
C PRO C 83 1.52 -21.19 -39.84
N HIS C 84 2.63 -20.86 -39.18
CA HIS C 84 2.57 -20.09 -37.95
C HIS C 84 3.94 -19.57 -37.49
N PRO C 85 4.07 -18.23 -37.37
CA PRO C 85 5.29 -17.51 -36.93
C PRO C 85 5.57 -17.86 -35.47
N ALA C 86 6.83 -17.77 -35.05
CA ALA C 86 7.18 -18.11 -33.66
C ALA C 86 8.59 -17.64 -33.32
N ASP C 87 8.92 -17.50 -32.04
CA ASP C 87 7.99 -17.74 -30.94
C ASP C 87 7.63 -16.44 -30.20
N GLY C 88 8.56 -15.50 -30.18
CA GLY C 88 8.29 -14.24 -29.52
C GLY C 88 9.51 -13.76 -28.77
N LEU C 89 9.36 -12.62 -28.11
CA LEU C 89 10.48 -12.04 -27.35
C LEU C 89 9.98 -11.59 -25.97
N VAL C 90 10.90 -11.51 -25.02
CA VAL C 90 10.53 -11.10 -23.69
C VAL C 90 11.55 -10.13 -23.10
N PHE C 91 11.09 -9.39 -22.09
CA PHE C 91 11.95 -8.51 -21.33
C PHE C 91 11.91 -9.29 -19.99
N PHE C 92 13.06 -9.55 -19.39
CA PHE C 92 13.03 -10.29 -18.15
C PHE C 92 14.01 -9.80 -17.11
N ILE C 93 13.77 -10.25 -15.89
CA ILE C 93 14.62 -9.92 -14.77
C ILE C 93 14.88 -11.28 -14.15
N ALA C 94 16.15 -11.60 -13.93
CA ALA C 94 16.48 -12.88 -13.33
C ALA C 94 17.73 -12.79 -12.47
N PRO C 95 18.04 -13.86 -11.72
CA PRO C 95 19.25 -13.80 -10.90
C PRO C 95 20.43 -13.63 -11.85
N PRO C 96 21.56 -13.10 -11.35
CA PRO C 96 22.72 -12.92 -12.22
C PRO C 96 23.40 -14.24 -12.57
N ASN C 97 24.19 -14.22 -13.65
CA ASN C 97 24.94 -15.40 -14.11
C ASN C 97 24.11 -16.62 -14.50
N THR C 98 22.99 -16.40 -15.19
CA THR C 98 22.15 -17.52 -15.63
C THR C 98 22.49 -17.84 -17.09
N GLN C 99 22.14 -19.06 -17.51
CA GLN C 99 22.38 -19.49 -18.88
C GLN C 99 21.05 -19.48 -19.64
N THR C 100 21.15 -19.50 -20.95
CA THR C 100 19.96 -19.52 -21.77
C THR C 100 19.23 -20.84 -21.52
N GLY C 101 17.93 -20.75 -21.31
CA GLY C 101 17.14 -21.94 -21.07
C GLY C 101 16.69 -22.53 -22.39
N GLU C 102 15.60 -23.28 -22.36
CA GLU C 102 15.04 -23.91 -23.55
C GLU C 102 14.48 -22.84 -24.52
N GLY C 103 14.51 -23.14 -25.81
CA GLY C 103 14.01 -22.21 -26.80
C GLY C 103 12.51 -22.35 -26.98
N GLY C 104 12.05 -22.15 -28.21
CA GLY C 104 10.63 -22.28 -28.49
C GLY C 104 9.77 -21.39 -27.60
N GLY C 105 8.61 -21.92 -27.20
CA GLY C 105 7.67 -21.18 -26.38
C GLY C 105 8.21 -20.84 -25.01
N TYR C 106 9.45 -21.27 -24.73
CA TYR C 106 10.08 -20.99 -23.45
C TYR C 106 10.97 -19.75 -23.53
N PHE C 107 11.03 -19.16 -24.74
CA PHE C 107 11.78 -17.94 -25.01
C PHE C 107 13.26 -17.92 -24.59
N GLY C 108 13.76 -19.03 -24.07
CA GLY C 108 15.15 -19.06 -23.66
C GLY C 108 15.36 -18.62 -22.22
N ILE C 109 14.29 -18.46 -21.45
CA ILE C 109 14.43 -18.07 -20.04
C ILE C 109 14.05 -19.19 -19.08
N TYR C 110 13.31 -20.18 -19.57
CA TYR C 110 12.90 -21.28 -18.73
C TYR C 110 13.74 -22.54 -18.99
N ASN C 111 14.26 -23.12 -17.91
CA ASN C 111 15.08 -24.33 -17.99
C ASN C 111 14.42 -25.38 -17.11
N PRO C 112 13.64 -26.29 -17.70
CA PRO C 112 12.96 -27.34 -16.93
C PRO C 112 13.94 -28.13 -16.07
N LEU C 113 15.18 -28.23 -16.53
CA LEU C 113 16.21 -29.00 -15.83
C LEU C 113 16.70 -28.41 -14.53
N SER C 114 16.78 -27.09 -14.47
CA SER C 114 17.21 -26.37 -13.27
C SER C 114 16.63 -24.96 -13.34
N PRO C 115 15.34 -24.82 -13.03
CA PRO C 115 14.64 -23.54 -13.06
C PRO C 115 15.17 -22.49 -12.10
N TYR C 116 15.32 -21.26 -12.60
CA TYR C 116 15.74 -20.15 -11.78
C TYR C 116 14.55 -19.19 -11.80
N PRO C 117 14.38 -18.41 -10.73
CA PRO C 117 13.26 -17.45 -10.68
C PRO C 117 13.39 -16.31 -11.70
N PHE C 118 12.26 -15.75 -12.11
CA PHE C 118 12.30 -14.64 -13.04
C PHE C 118 10.95 -13.94 -13.18
N VAL C 119 10.99 -12.67 -13.55
CA VAL C 119 9.79 -11.89 -13.83
C VAL C 119 10.00 -11.44 -15.27
N ALA C 120 9.00 -11.59 -16.11
CA ALA C 120 9.17 -11.18 -17.49
C ALA C 120 7.87 -10.71 -18.11
N VAL C 121 8.01 -9.85 -19.13
CA VAL C 121 6.87 -9.38 -19.90
C VAL C 121 7.09 -9.98 -21.28
N GLU C 122 6.15 -10.79 -21.72
CA GLU C 122 6.30 -11.46 -22.99
C GLU C 122 5.43 -10.89 -24.11
N PHE C 123 5.90 -11.03 -25.35
CA PHE C 123 5.17 -10.61 -26.53
C PHE C 123 5.22 -11.91 -27.30
N ASP C 124 4.20 -12.72 -27.01
CA ASP C 124 4.04 -14.07 -27.54
C ASP C 124 3.35 -14.11 -28.88
N THR C 125 4.00 -14.77 -29.85
CA THR C 125 3.46 -14.87 -31.19
C THR C 125 3.00 -16.29 -31.58
N PHE C 126 3.28 -17.28 -30.75
CA PHE C 126 2.89 -18.64 -31.05
C PHE C 126 2.04 -19.21 -29.92
N ARG C 127 0.90 -19.80 -30.28
CA ARG C 127 0.01 -20.37 -29.29
C ARG C 127 0.37 -21.78 -28.85
N ASN C 128 0.98 -21.90 -27.67
CA ASN C 128 1.33 -23.18 -27.12
C ASN C 128 0.08 -23.74 -26.40
N THR C 129 0.16 -24.96 -25.90
CA THR C 129 -0.98 -25.57 -25.24
C THR C 129 -1.49 -24.73 -24.09
N TRP C 130 -0.56 -24.07 -23.41
CA TRP C 130 -0.90 -23.24 -22.25
C TRP C 130 -1.30 -21.80 -22.56
N ASP C 131 -1.32 -21.45 -23.83
CA ASP C 131 -1.62 -20.09 -24.24
C ASP C 131 -2.99 -19.75 -24.72
N PRO C 132 -3.37 -18.47 -24.57
CA PRO C 132 -4.64 -17.95 -25.01
C PRO C 132 -4.33 -17.51 -26.44
N GLN C 133 -5.31 -16.96 -27.13
CA GLN C 133 -5.11 -16.53 -28.51
C GLN C 133 -3.86 -15.63 -28.64
N ILE C 134 -3.17 -15.71 -29.77
CA ILE C 134 -1.99 -14.87 -30.01
C ILE C 134 -2.27 -13.91 -31.14
N PRO C 135 -1.49 -12.83 -31.23
CA PRO C 135 -0.38 -12.50 -30.32
C PRO C 135 -0.97 -11.91 -29.01
N HIS C 136 -0.20 -11.98 -27.93
CA HIS C 136 -0.67 -11.40 -26.70
C HIS C 136 0.49 -10.92 -25.84
N ILE C 137 0.20 -9.93 -24.99
CA ILE C 137 1.19 -9.44 -24.05
C ILE C 137 0.88 -10.28 -22.81
N GLY C 138 1.91 -10.69 -22.09
CA GLY C 138 1.68 -11.48 -20.90
C GLY C 138 2.67 -11.13 -19.83
N ILE C 139 2.26 -11.27 -18.57
CA ILE C 139 3.12 -11.00 -17.43
C ILE C 139 3.43 -12.35 -16.84
N ASP C 140 4.71 -12.71 -16.81
CA ASP C 140 5.16 -14.01 -16.33
C ASP C 140 5.98 -13.95 -15.05
N VAL C 141 5.65 -14.83 -14.10
CA VAL C 141 6.36 -14.87 -12.86
C VAL C 141 6.77 -16.31 -12.61
N ASN C 142 8.06 -16.58 -12.76
CA ASN C 142 8.63 -17.92 -12.57
C ASN C 142 8.11 -18.99 -13.53
N SER C 143 7.32 -18.59 -14.50
CA SER C 143 6.78 -19.55 -15.45
C SER C 143 6.27 -18.81 -16.68
N VAL C 144 6.10 -19.53 -17.79
CA VAL C 144 5.58 -18.89 -19.00
C VAL C 144 4.08 -18.98 -19.07
N ILE C 145 3.45 -19.46 -18.01
CA ILE C 145 1.98 -19.50 -17.97
C ILE C 145 1.63 -18.18 -17.28
N SER C 146 1.38 -17.16 -18.10
CA SER C 146 1.11 -15.81 -17.62
C SER C 146 0.03 -15.63 -16.55
N THR C 147 0.29 -14.74 -15.60
CA THR C 147 -0.68 -14.46 -14.57
C THR C 147 -1.76 -13.62 -15.24
N LYS C 148 -1.34 -12.77 -16.16
CA LYS C 148 -2.29 -11.90 -16.84
C LYS C 148 -1.90 -11.84 -18.31
N THR C 149 -2.91 -11.70 -19.17
CA THR C 149 -2.71 -11.69 -20.61
C THR C 149 -3.62 -10.69 -21.34
N VAL C 150 -3.15 -10.12 -22.43
CA VAL C 150 -3.97 -9.20 -23.21
C VAL C 150 -3.57 -9.41 -24.68
N PRO C 151 -4.56 -9.46 -25.58
CA PRO C 151 -4.26 -9.66 -26.99
C PRO C 151 -3.90 -8.39 -27.70
N PHE C 152 -3.13 -8.49 -28.78
CA PHE C 152 -2.80 -7.31 -29.56
C PHE C 152 -2.59 -7.72 -31.02
N THR C 153 -2.69 -6.75 -31.92
CA THR C 153 -2.51 -7.02 -33.32
C THR C 153 -1.18 -6.44 -33.71
N LEU C 154 -0.29 -7.30 -34.19
CA LEU C 154 1.06 -6.88 -34.59
C LEU C 154 1.12 -6.02 -35.84
N ASP C 155 2.04 -5.06 -35.85
CA ASP C 155 2.24 -4.23 -37.03
C ASP C 155 3.43 -4.96 -37.66
N ASN C 156 3.14 -5.87 -38.58
CA ASN C 156 4.17 -6.69 -39.21
C ASN C 156 5.34 -5.89 -39.77
N GLY C 157 6.49 -6.03 -39.13
CA GLY C 157 7.67 -5.32 -39.58
C GLY C 157 7.70 -3.87 -39.15
N GLY C 158 6.67 -3.43 -38.44
CA GLY C 158 6.63 -2.04 -37.98
C GLY C 158 7.39 -1.85 -36.68
N ILE C 159 7.42 -0.61 -36.20
CA ILE C 159 8.11 -0.32 -34.95
C ILE C 159 7.10 -0.28 -33.81
N ALA C 160 7.49 -0.81 -32.66
CA ALA C 160 6.61 -0.83 -31.50
C ALA C 160 7.32 -0.19 -30.33
N ASN C 161 6.59 0.64 -29.60
CA ASN C 161 7.14 1.33 -28.44
C ASN C 161 6.54 0.70 -27.19
N VAL C 162 7.41 0.34 -26.26
CA VAL C 162 6.98 -0.29 -25.04
C VAL C 162 7.43 0.52 -23.83
N VAL C 163 6.54 0.63 -22.85
CA VAL C 163 6.84 1.29 -21.59
C VAL C 163 6.49 0.31 -20.46
N ILE C 164 7.48 -0.04 -19.66
CA ILE C 164 7.21 -0.93 -18.55
C ILE C 164 7.59 -0.15 -17.29
N LYS C 165 6.65 -0.09 -16.34
CA LYS C 165 6.89 0.65 -15.13
C LYS C 165 6.51 -0.17 -13.92
N TYR C 166 7.33 -0.08 -12.88
CA TYR C 166 7.05 -0.81 -11.66
C TYR C 166 7.12 0.14 -10.46
N ASP C 167 6.03 0.19 -9.71
CA ASP C 167 5.96 1.07 -8.55
C ASP C 167 6.00 0.21 -7.26
N ALA C 168 7.11 0.30 -6.53
CA ALA C 168 7.29 -0.50 -5.32
C ALA C 168 6.24 -0.26 -4.26
N SER C 169 5.72 0.96 -4.16
CA SER C 169 4.75 1.25 -3.11
C SER C 169 3.44 0.56 -3.32
N THR C 170 3.09 0.25 -4.56
CA THR C 170 1.81 -0.40 -4.82
C THR C 170 2.00 -1.80 -5.37
N LYS C 171 3.24 -2.12 -5.74
CA LYS C 171 3.58 -3.41 -6.30
C LYS C 171 2.93 -3.61 -7.66
N ILE C 172 2.59 -2.52 -8.31
CA ILE C 172 1.96 -2.62 -9.61
C ILE C 172 2.97 -2.57 -10.75
N LEU C 173 2.88 -3.55 -11.63
CA LEU C 173 3.72 -3.64 -12.80
C LEU C 173 2.81 -3.30 -13.97
N HIS C 174 3.01 -2.13 -14.59
CA HIS C 174 2.17 -1.78 -15.73
C HIS C 174 2.96 -1.65 -17.00
N VAL C 175 2.45 -2.26 -18.07
CA VAL C 175 3.14 -2.20 -19.33
C VAL C 175 2.24 -1.60 -20.38
N VAL C 176 2.83 -0.77 -21.23
CA VAL C 176 2.12 -0.11 -22.32
C VAL C 176 2.77 -0.47 -23.64
N LEU C 177 1.95 -0.84 -24.63
CA LEU C 177 2.44 -1.21 -25.95
C LEU C 177 1.80 -0.30 -26.96
N VAL C 178 2.61 0.40 -27.74
CA VAL C 178 2.09 1.31 -28.76
C VAL C 178 2.72 1.07 -30.14
N PHE C 179 1.89 1.06 -31.17
CA PHE C 179 2.34 0.89 -32.55
C PHE C 179 2.05 2.26 -33.19
N PRO C 180 3.01 3.17 -33.16
CA PRO C 180 2.82 4.50 -33.74
C PRO C 180 2.24 4.57 -35.15
N SER C 181 2.65 3.70 -36.06
CA SER C 181 2.10 3.77 -37.41
C SER C 181 0.63 3.48 -37.42
N LEU C 182 0.17 2.59 -36.54
CA LEU C 182 -1.24 2.23 -36.53
C LEU C 182 -2.01 3.05 -35.49
N GLY C 183 -1.30 3.71 -34.59
CA GLY C 183 -1.95 4.47 -33.55
C GLY C 183 -2.64 3.60 -32.51
N THR C 184 -2.38 2.30 -32.50
CA THR C 184 -3.01 1.40 -31.53
C THR C 184 -2.26 1.37 -30.18
N ILE C 185 -3.03 1.23 -29.10
CA ILE C 185 -2.51 1.24 -27.74
C ILE C 185 -3.05 0.07 -26.93
N TYR C 186 -2.14 -0.69 -26.33
CA TYR C 186 -2.52 -1.85 -25.54
C TYR C 186 -1.93 -1.67 -24.15
N THR C 187 -2.70 -2.06 -23.16
CA THR C 187 -2.25 -1.90 -21.78
C THR C 187 -2.58 -3.12 -20.92
N ILE C 188 -1.67 -3.42 -20.00
CA ILE C 188 -1.84 -4.55 -19.11
C ILE C 188 -1.12 -4.26 -17.80
N ALA C 189 -1.68 -4.70 -16.68
CA ALA C 189 -1.05 -4.46 -15.39
C ALA C 189 -1.32 -5.59 -14.44
N ASP C 190 -0.49 -5.75 -13.42
CA ASP C 190 -0.72 -6.78 -12.45
C ASP C 190 0.10 -6.50 -11.21
N ILE C 191 -0.21 -7.19 -10.12
CA ILE C 191 0.50 -7.02 -8.87
C ILE C 191 1.59 -8.06 -8.78
N VAL C 192 2.82 -7.61 -8.56
CA VAL C 192 3.96 -8.50 -8.47
C VAL C 192 4.87 -8.02 -7.36
N ASP C 193 5.18 -8.92 -6.43
CA ASP C 193 6.06 -8.55 -5.33
C ASP C 193 7.47 -9.05 -5.62
N LEU C 194 8.28 -8.18 -6.18
CA LEU C 194 9.65 -8.55 -6.54
C LEU C 194 10.45 -9.15 -5.41
N LYS C 195 10.34 -8.55 -4.25
CA LYS C 195 11.06 -8.97 -3.04
C LYS C 195 10.80 -10.42 -2.71
N GLN C 196 9.61 -10.85 -3.05
CA GLN C 196 9.14 -12.19 -2.77
C GLN C 196 9.60 -13.24 -3.81
N VAL C 197 9.97 -12.80 -5.02
CA VAL C 197 10.36 -13.77 -6.06
C VAL C 197 11.81 -13.74 -6.46
N LEU C 198 12.43 -12.56 -6.45
CA LEU C 198 13.80 -12.41 -6.86
C LEU C 198 14.78 -12.07 -5.76
N PRO C 199 16.08 -12.27 -6.01
CA PRO C 199 17.10 -11.96 -5.01
C PRO C 199 17.38 -10.47 -5.08
N GLU C 200 18.21 -9.95 -4.18
CA GLU C 200 18.50 -8.52 -4.16
C GLU C 200 19.17 -8.01 -5.43
N SER C 201 20.07 -8.80 -6.02
CA SER C 201 20.73 -8.40 -7.25
C SER C 201 20.24 -9.24 -8.41
N VAL C 202 20.01 -8.58 -9.54
CA VAL C 202 19.52 -9.27 -10.72
C VAL C 202 20.12 -8.71 -12.01
N ASN C 203 19.78 -9.34 -13.12
CA ASN C 203 20.19 -8.88 -14.44
C ASN C 203 18.88 -8.55 -15.14
N VAL C 204 18.93 -7.57 -16.04
CA VAL C 204 17.76 -7.21 -16.82
C VAL C 204 18.19 -7.36 -18.26
N GLY C 205 17.28 -7.78 -19.13
CA GLY C 205 17.62 -7.95 -20.53
C GLY C 205 16.48 -8.50 -21.36
N PHE C 206 16.82 -8.96 -22.56
CA PHE C 206 15.81 -9.51 -23.44
C PHE C 206 16.19 -10.91 -23.87
N SER C 207 15.20 -11.65 -24.36
CA SER C 207 15.44 -13.01 -24.82
C SER C 207 14.35 -13.34 -25.82
N ALA C 208 14.66 -14.17 -26.81
CA ALA C 208 13.68 -14.53 -27.81
C ALA C 208 14.03 -15.86 -28.45
N ALA C 209 13.09 -16.41 -29.20
CA ALA C 209 13.34 -17.66 -29.88
C ALA C 209 12.42 -17.85 -31.05
N THR C 210 12.87 -18.67 -31.99
CA THR C 210 12.06 -18.98 -33.15
C THR C 210 11.64 -20.45 -33.02
N GLY C 211 10.80 -20.91 -33.94
CA GLY C 211 10.30 -22.28 -33.90
C GLY C 211 11.32 -23.33 -33.53
N ASP C 212 10.91 -24.25 -32.69
CA ASP C 212 11.74 -25.35 -32.24
C ASP C 212 11.65 -26.44 -33.32
N PRO C 213 12.77 -27.15 -33.58
CA PRO C 213 12.81 -28.22 -34.60
C PRO C 213 11.71 -29.27 -34.43
N SER C 214 11.39 -29.58 -33.17
CA SER C 214 10.36 -30.57 -32.88
C SER C 214 9.02 -30.27 -33.58
N GLY C 215 8.80 -29.00 -33.92
CA GLY C 215 7.57 -28.61 -34.59
C GLY C 215 7.55 -29.01 -36.06
N LYS C 216 8.72 -29.38 -36.59
CA LYS C 216 8.87 -29.80 -37.99
C LYS C 216 8.40 -28.75 -39.01
N GLN C 217 8.55 -27.48 -38.67
CA GLN C 217 8.14 -26.38 -39.56
C GLN C 217 9.23 -25.30 -39.61
N ARG C 218 9.92 -25.20 -40.74
CA ARG C 218 10.98 -24.20 -40.88
C ARG C 218 10.42 -22.81 -41.04
N ASN C 219 9.14 -22.70 -41.35
CA ASN C 219 8.50 -21.39 -41.49
C ASN C 219 8.06 -20.83 -40.13
N ALA C 220 8.22 -21.61 -39.07
CA ALA C 220 7.84 -21.14 -37.75
C ALA C 220 8.95 -20.21 -37.27
N THR C 221 9.00 -19.01 -37.83
CA THR C 221 10.06 -18.07 -37.44
C THR C 221 9.64 -16.64 -37.73
N GLU C 222 10.51 -15.70 -37.32
CA GLU C 222 10.27 -14.28 -37.49
C GLU C 222 11.47 -13.58 -36.92
N THR C 223 11.56 -12.26 -37.09
CA THR C 223 12.67 -11.51 -36.51
C THR C 223 12.28 -11.04 -35.11
N HIS C 224 13.28 -10.70 -34.31
CA HIS C 224 13.08 -10.22 -32.96
C HIS C 224 14.14 -9.14 -32.75
N ASP C 225 13.90 -7.95 -33.32
CA ASP C 225 14.86 -6.87 -33.21
C ASP C 225 14.55 -5.80 -32.16
N ILE C 226 15.57 -5.40 -31.41
CA ILE C 226 15.42 -4.33 -30.41
C ILE C 226 16.14 -3.11 -31.02
N LEU C 227 15.42 -2.00 -31.16
CA LEU C 227 15.98 -0.81 -31.77
C LEU C 227 16.63 0.16 -30.79
N SER C 228 16.04 0.31 -29.60
CA SER C 228 16.58 1.21 -28.59
C SER C 228 16.15 0.72 -27.22
N TRP C 229 16.76 1.26 -26.17
CA TRP C 229 16.47 0.77 -24.83
C TRP C 229 17.03 1.64 -23.74
N SER C 230 16.17 2.08 -22.82
CA SER C 230 16.61 2.88 -21.68
C SER C 230 16.02 2.24 -20.43
N PHE C 231 16.75 2.35 -19.34
CA PHE C 231 16.29 1.73 -18.10
C PHE C 231 16.63 2.64 -16.94
N SER C 232 15.75 2.73 -15.95
CA SER C 232 16.05 3.57 -14.81
C SER C 232 15.43 2.94 -13.57
N ALA C 233 16.23 2.79 -12.52
CA ALA C 233 15.72 2.22 -11.29
C ALA C 233 16.12 3.03 -10.04
N SER C 234 15.23 3.12 -9.06
CA SER C 234 15.50 3.83 -7.83
C SER C 234 15.27 2.97 -6.60
N LEU C 235 16.29 2.85 -5.76
CA LEU C 235 16.19 2.06 -4.54
C LEU C 235 16.48 3.01 -3.38
N PRO C 236 15.43 3.55 -2.74
CA PRO C 236 15.54 4.49 -1.61
C PRO C 236 16.22 3.93 -0.36
N GLY C 237 17.07 4.75 0.25
CA GLY C 237 17.79 4.37 1.45
C GLY C 237 19.09 3.64 1.16
N LYS D 1 -24.52 -8.32 -17.12
CA LYS D 1 -24.69 -7.36 -18.25
C LYS D 1 -23.33 -6.85 -18.74
N THR D 2 -23.36 -6.15 -19.87
CA THR D 2 -22.16 -5.57 -20.46
C THR D 2 -22.50 -4.36 -21.30
N ILE D 3 -22.71 -3.24 -20.64
CA ILE D 3 -23.04 -1.99 -21.32
C ILE D 3 -21.82 -1.44 -22.06
N SER D 4 -22.08 -0.74 -23.17
CA SER D 4 -21.00 -0.13 -23.94
C SER D 4 -21.54 0.86 -24.97
N PHE D 5 -20.91 2.02 -25.08
CA PHE D 5 -21.34 3.02 -26.04
C PHE D 5 -20.14 3.60 -26.74
N ASN D 6 -20.38 4.43 -27.75
CA ASN D 6 -19.30 5.00 -28.54
C ASN D 6 -19.68 6.33 -29.14
N PHE D 7 -18.72 7.25 -29.20
CA PHE D 7 -18.95 8.58 -29.77
C PHE D 7 -17.80 8.93 -30.70
N ASN D 8 -17.88 8.49 -31.95
CA ASN D 8 -16.83 8.80 -32.93
C ASN D 8 -16.69 10.31 -32.93
N GLN D 9 -17.80 10.98 -32.72
CA GLN D 9 -17.85 12.44 -32.68
C GLN D 9 -19.12 12.82 -31.96
N PHE D 10 -19.24 14.09 -31.61
CA PHE D 10 -20.41 14.56 -30.88
C PHE D 10 -21.31 15.40 -31.74
N HIS D 11 -22.57 15.02 -31.83
CA HIS D 11 -23.53 15.75 -32.65
C HIS D 11 -24.41 16.63 -31.77
N GLN D 12 -24.61 17.85 -32.23
CA GLN D 12 -25.43 18.83 -31.53
C GLN D 12 -26.81 18.21 -31.33
N ASN D 13 -27.29 18.26 -30.10
CA ASN D 13 -28.59 17.68 -29.76
C ASN D 13 -28.50 16.16 -29.55
N GLU D 14 -27.41 15.71 -28.94
CA GLU D 14 -27.23 14.29 -28.64
C GLU D 14 -28.12 13.92 -27.44
N GLU D 15 -28.91 12.86 -27.57
CA GLU D 15 -29.80 12.44 -26.50
C GLU D 15 -29.13 11.52 -25.49
N GLN D 16 -27.93 11.04 -25.81
CA GLN D 16 -27.21 10.14 -24.91
C GLN D 16 -26.32 10.90 -23.91
N LEU D 17 -26.20 12.21 -24.10
CA LEU D 17 -25.38 13.03 -23.21
C LEU D 17 -26.22 14.00 -22.39
N LYS D 18 -25.73 14.30 -21.20
CA LYS D 18 -26.38 15.23 -20.30
C LYS D 18 -25.34 16.34 -20.12
N LEU D 19 -25.60 17.51 -20.68
CA LEU D 19 -24.67 18.61 -20.54
C LEU D 19 -25.10 19.50 -19.41
N GLN D 20 -24.14 19.94 -18.61
CA GLN D 20 -24.43 20.81 -17.47
C GLN D 20 -23.58 22.07 -17.51
N ARG D 21 -24.12 23.15 -16.97
CA ARG D 21 -23.45 24.44 -16.93
C ARG D 21 -22.99 24.91 -18.31
N ASP D 22 -21.74 25.32 -18.45
CA ASP D 22 -21.27 25.83 -19.73
C ASP D 22 -20.92 24.83 -20.82
N ALA D 23 -21.09 23.55 -20.55
CA ALA D 23 -20.75 22.57 -21.57
C ALA D 23 -21.64 22.70 -22.79
N ARG D 24 -21.06 22.58 -23.97
CA ARG D 24 -21.84 22.62 -25.20
C ARG D 24 -21.12 21.99 -26.38
N ILE D 25 -21.90 21.52 -27.35
CA ILE D 25 -21.35 20.89 -28.54
C ILE D 25 -21.29 21.91 -29.67
N SER D 26 -20.11 22.07 -30.26
CA SER D 26 -19.87 23.01 -31.34
C SER D 26 -20.45 22.47 -32.62
N SER D 27 -20.55 23.34 -33.62
CA SER D 27 -21.11 22.93 -34.91
C SER D 27 -20.17 21.96 -35.63
N ASN D 28 -18.87 22.07 -35.35
CA ASN D 28 -17.92 21.15 -35.99
C ASN D 28 -17.79 19.82 -35.22
N SER D 29 -18.80 19.48 -34.42
CA SER D 29 -18.84 18.20 -33.70
C SER D 29 -17.91 17.92 -32.49
N VAL D 30 -17.35 18.96 -31.87
CA VAL D 30 -16.51 18.72 -30.70
C VAL D 30 -17.24 19.11 -29.40
N LEU D 31 -17.01 18.33 -28.34
CA LEU D 31 -17.62 18.56 -27.04
C LEU D 31 -16.75 19.55 -26.28
N GLU D 32 -17.20 20.81 -26.21
CA GLU D 32 -16.46 21.84 -25.52
C GLU D 32 -16.97 21.93 -24.08
N LEU D 33 -16.15 21.47 -23.16
CA LEU D 33 -16.51 21.45 -21.75
C LEU D 33 -16.63 22.82 -21.16
N THR D 34 -15.69 23.68 -21.52
CA THR D 34 -15.70 25.05 -21.02
C THR D 34 -15.89 26.09 -22.13
N LYS D 35 -16.46 27.22 -21.73
CA LYS D 35 -16.79 28.36 -22.60
C LYS D 35 -15.70 28.87 -23.54
N VAL D 36 -16.05 28.99 -24.81
CA VAL D 36 -15.13 29.52 -25.82
C VAL D 36 -15.95 30.52 -26.65
N VAL D 37 -15.61 31.81 -26.60
CA VAL D 37 -16.34 32.80 -27.40
C VAL D 37 -15.49 33.36 -28.54
N ASN D 38 -15.97 33.18 -29.76
CA ASN D 38 -15.25 33.67 -30.94
C ASN D 38 -13.83 33.11 -30.98
N GLY D 39 -13.72 31.81 -30.73
CA GLY D 39 -12.41 31.16 -30.76
C GLY D 39 -11.50 31.45 -29.57
N VAL D 40 -12.00 32.20 -28.58
CA VAL D 40 -11.21 32.56 -27.41
C VAL D 40 -11.80 31.96 -26.12
N PRO D 41 -11.01 31.15 -25.41
CA PRO D 41 -11.52 30.55 -24.16
C PRO D 41 -11.60 31.62 -23.07
N THR D 42 -12.64 31.59 -22.24
CA THR D 42 -12.78 32.57 -21.19
C THR D 42 -12.59 31.95 -19.80
N TRP D 43 -12.45 32.81 -18.80
CA TRP D 43 -12.26 32.37 -17.43
C TRP D 43 -13.63 32.22 -16.78
N ASN D 44 -13.64 31.86 -15.50
CA ASN D 44 -14.90 31.70 -14.75
C ASN D 44 -15.87 30.75 -15.46
N SER D 45 -15.33 29.69 -16.07
CA SER D 45 -16.17 28.71 -16.75
C SER D 45 -16.09 27.28 -16.17
N THR D 46 -17.23 26.63 -16.10
CA THR D 46 -17.31 25.27 -15.60
C THR D 46 -18.37 24.51 -16.39
N GLY D 47 -18.06 23.27 -16.79
CA GLY D 47 -19.00 22.48 -17.55
C GLY D 47 -18.80 20.98 -17.38
N ARG D 48 -19.87 20.20 -17.53
CA ARG D 48 -19.78 18.76 -17.39
C ARG D 48 -20.60 18.10 -18.48
N ALA D 49 -20.31 16.84 -18.73
CA ALA D 49 -21.01 16.07 -19.73
C ALA D 49 -21.07 14.63 -19.23
N LEU D 50 -22.29 14.17 -18.92
CA LEU D 50 -22.50 12.83 -18.42
C LEU D 50 -23.19 11.94 -19.46
N TYR D 51 -22.96 10.63 -19.35
CA TYR D 51 -23.63 9.69 -20.24
C TYR D 51 -25.02 9.68 -19.62
N ALA D 52 -26.05 9.86 -20.43
CA ALA D 52 -27.44 9.90 -19.96
C ALA D 52 -27.91 8.74 -19.09
N LYS D 53 -27.41 7.53 -19.35
CA LYS D 53 -27.85 6.38 -18.57
C LYS D 53 -26.87 5.93 -17.50
N PRO D 54 -27.39 5.54 -16.33
CA PRO D 54 -26.50 5.08 -15.26
C PRO D 54 -25.91 3.72 -15.60
N VAL D 55 -24.73 3.44 -15.06
CA VAL D 55 -24.07 2.15 -15.30
C VAL D 55 -23.90 1.47 -13.94
N GLN D 56 -24.04 0.15 -13.91
CA GLN D 56 -23.90 -0.58 -12.66
C GLN D 56 -22.47 -1.04 -12.54
N VAL D 57 -21.72 -0.49 -11.57
CA VAL D 57 -20.32 -0.89 -11.39
C VAL D 57 -20.15 -2.05 -10.46
N TRP D 58 -21.16 -2.32 -9.65
CA TRP D 58 -21.11 -3.46 -8.73
C TRP D 58 -22.51 -3.92 -8.33
N ASP D 59 -22.60 -5.19 -7.89
CA ASP D 59 -23.87 -5.79 -7.52
C ASP D 59 -23.86 -6.30 -6.08
N SER D 60 -24.71 -5.71 -5.24
CA SER D 60 -24.80 -6.05 -3.82
C SER D 60 -25.25 -7.49 -3.56
N THR D 61 -25.96 -8.06 -4.53
CA THR D 61 -26.46 -9.43 -4.46
C THR D 61 -25.34 -10.47 -4.53
N THR D 62 -24.54 -10.35 -5.59
CA THR D 62 -23.44 -11.28 -5.84
C THR D 62 -22.11 -10.79 -5.24
N GLY D 63 -22.02 -9.49 -5.02
CA GLY D 63 -20.81 -8.90 -4.47
C GLY D 63 -19.79 -8.65 -5.56
N ASN D 64 -20.11 -9.03 -6.79
CA ASN D 64 -19.21 -8.84 -7.92
C ASN D 64 -19.06 -7.36 -8.31
N VAL D 65 -17.87 -7.01 -8.78
CA VAL D 65 -17.58 -5.65 -9.21
C VAL D 65 -17.27 -5.68 -10.69
N ALA D 66 -17.63 -4.62 -11.40
CA ALA D 66 -17.38 -4.58 -12.84
C ALA D 66 -15.98 -4.12 -13.22
N SER D 67 -15.55 -4.55 -14.40
CA SER D 67 -14.28 -4.16 -14.97
C SER D 67 -14.72 -3.26 -16.11
N PHE D 68 -13.93 -2.27 -16.45
CA PHE D 68 -14.32 -1.40 -17.54
C PHE D 68 -13.12 -0.83 -18.26
N GLU D 69 -13.37 -0.31 -19.45
CA GLU D 69 -12.33 0.28 -20.27
C GLU D 69 -12.95 1.45 -20.96
N THR D 70 -12.25 2.58 -20.95
CA THR D 70 -12.77 3.74 -21.65
C THR D 70 -11.61 4.44 -22.35
N ARG D 71 -11.89 4.92 -23.56
CA ARG D 71 -10.86 5.62 -24.33
C ARG D 71 -11.47 6.89 -24.85
N PHE D 72 -10.67 7.93 -24.93
CA PHE D 72 -11.16 9.18 -25.46
C PHE D 72 -10.01 10.05 -25.88
N SER D 73 -10.33 11.03 -26.70
CA SER D 73 -9.32 11.96 -27.19
C SER D 73 -9.75 13.35 -26.79
N PHE D 74 -8.80 14.16 -26.34
CA PHE D 74 -9.12 15.52 -25.96
C PHE D 74 -8.06 16.42 -26.48
N SER D 75 -8.30 17.72 -26.33
CA SER D 75 -7.33 18.70 -26.76
C SER D 75 -7.46 19.90 -25.85
N ILE D 76 -6.31 20.39 -25.41
CA ILE D 76 -6.30 21.56 -24.56
C ILE D 76 -5.42 22.57 -25.26
N ARG D 77 -6.00 23.71 -25.60
CA ARG D 77 -5.23 24.76 -26.25
C ARG D 77 -5.05 25.88 -25.25
N GLN D 78 -3.80 26.29 -25.10
CA GLN D 78 -3.46 27.36 -24.18
C GLN D 78 -2.99 28.55 -25.01
N PRO D 79 -3.93 29.44 -25.36
CA PRO D 79 -3.75 30.67 -26.15
C PRO D 79 -2.85 31.68 -25.46
N PHE D 80 -3.03 31.77 -24.14
CA PHE D 80 -2.27 32.70 -23.31
C PHE D 80 -1.30 31.97 -22.41
N PRO D 81 -0.04 31.85 -22.83
CA PRO D 81 1.04 31.18 -22.10
C PRO D 81 1.36 31.79 -20.73
N ARG D 82 1.00 33.07 -20.57
CA ARG D 82 1.24 33.79 -19.31
C ARG D 82 -0.03 34.42 -18.78
N PRO D 83 -0.18 34.52 -17.45
CA PRO D 83 0.70 34.12 -16.35
C PRO D 83 0.61 32.63 -16.05
N HIS D 84 -0.56 32.04 -16.30
CA HIS D 84 -0.75 30.64 -16.00
C HIS D 84 -2.09 30.12 -16.48
N PRO D 85 -2.08 29.14 -17.38
CA PRO D 85 -3.33 28.56 -17.89
C PRO D 85 -3.98 27.77 -16.76
N ALA D 86 -5.29 27.62 -16.80
CA ALA D 86 -6.01 26.86 -15.76
C ALA D 86 -7.35 26.37 -16.31
N ASP D 87 -7.96 25.33 -15.70
CA ASP D 87 -7.46 24.58 -14.55
C ASP D 87 -7.15 23.14 -14.93
N GLY D 88 -7.91 22.59 -15.87
CA GLY D 88 -7.70 21.23 -16.31
C GLY D 88 -9.02 20.52 -16.49
N LEU D 89 -8.97 19.26 -16.86
CA LEU D 89 -10.17 18.48 -17.05
C LEU D 89 -10.03 17.10 -16.40
N VAL D 90 -11.16 16.47 -16.12
CA VAL D 90 -11.12 15.16 -15.51
C VAL D 90 -12.16 14.23 -16.11
N PHE D 91 -11.92 12.94 -15.91
CA PHE D 91 -12.88 11.93 -16.30
C PHE D 91 -13.28 11.45 -14.90
N PHE D 92 -14.57 11.34 -14.62
CA PHE D 92 -14.93 10.92 -13.28
C PHE D 92 -16.11 9.98 -13.26
N ILE D 93 -16.29 9.36 -12.10
CA ILE D 93 -17.36 8.42 -11.85
C ILE D 93 -17.94 8.93 -10.54
N ALA D 94 -19.24 9.17 -10.53
CA ALA D 94 -19.90 9.69 -9.32
C ALA D 94 -21.32 9.15 -9.17
N PRO D 95 -21.94 9.37 -8.01
CA PRO D 95 -23.31 8.87 -7.84
C PRO D 95 -24.17 9.60 -8.87
N PRO D 96 -25.32 9.03 -9.24
CA PRO D 96 -26.16 9.71 -10.24
C PRO D 96 -26.90 10.93 -9.65
N ASN D 97 -27.32 11.85 -10.52
CA ASN D 97 -28.07 13.03 -10.10
C ASN D 97 -27.31 14.00 -9.19
N THR D 98 -26.01 14.16 -9.43
CA THR D 98 -25.20 15.10 -8.63
C THR D 98 -25.02 16.36 -9.45
N GLN D 99 -24.90 17.49 -8.78
CA GLN D 99 -24.74 18.75 -9.48
C GLN D 99 -23.29 19.21 -9.46
N THR D 100 -22.94 20.01 -10.45
CA THR D 100 -21.59 20.53 -10.58
C THR D 100 -21.10 21.12 -9.26
N GLY D 101 -19.88 20.78 -8.88
CA GLY D 101 -19.31 21.31 -7.67
C GLY D 101 -18.63 22.64 -7.95
N GLU D 102 -17.67 23.00 -7.13
CA GLU D 102 -16.96 24.26 -7.31
C GLU D 102 -16.07 24.21 -8.54
N GLY D 103 -15.84 25.38 -9.13
CA GLY D 103 -14.98 25.46 -10.29
C GLY D 103 -13.49 25.52 -9.94
N GLY D 104 -12.74 26.28 -10.73
CA GLY D 104 -11.31 26.40 -10.49
C GLY D 104 -10.61 25.06 -10.39
N GLY D 105 -9.65 24.99 -9.47
CA GLY D 105 -8.86 23.78 -9.26
C GLY D 105 -9.67 22.60 -8.76
N TYR D 106 -10.97 22.81 -8.57
CA TYR D 106 -11.85 21.76 -8.12
C TYR D 106 -12.55 21.07 -9.32
N PHE D 107 -12.25 21.59 -10.52
CA PHE D 107 -12.74 21.04 -11.78
C PHE D 107 -14.25 20.90 -11.92
N GLY D 108 -15.00 21.32 -10.92
CA GLY D 108 -16.43 21.16 -11.00
C GLY D 108 -16.94 19.83 -10.44
N ILE D 109 -16.09 19.03 -9.80
CA ILE D 109 -16.55 17.76 -9.23
C ILE D 109 -16.51 17.74 -7.72
N TYR D 110 -15.81 18.67 -7.11
CA TYR D 110 -15.73 18.70 -5.67
C TYR D 110 -16.57 19.82 -5.09
N ASN D 111 -17.40 19.49 -4.13
CA ASN D 111 -18.22 20.49 -3.48
C ASN D 111 -17.97 20.40 -2.00
N PRO D 112 -17.16 21.32 -1.49
CA PRO D 112 -16.81 21.37 -0.06
C PRO D 112 -18.04 21.41 0.86
N LEU D 113 -19.09 22.07 0.38
CA LEU D 113 -20.31 22.18 1.15
C LEU D 113 -20.94 20.81 1.33
N SER D 114 -21.46 20.25 0.24
CA SER D 114 -22.11 18.95 0.30
C SER D 114 -21.38 17.95 -0.58
N PRO D 115 -20.20 17.50 -0.13
CA PRO D 115 -19.40 16.54 -0.90
C PRO D 115 -20.04 15.18 -1.17
N TYR D 116 -19.91 14.72 -2.40
CA TYR D 116 -20.40 13.41 -2.78
C TYR D 116 -19.16 12.62 -3.19
N PRO D 117 -19.21 11.30 -3.04
CA PRO D 117 -18.04 10.48 -3.41
C PRO D 117 -17.79 10.45 -4.90
N PHE D 118 -16.54 10.23 -5.28
CA PHE D 118 -16.21 10.16 -6.68
C PHE D 118 -14.80 9.64 -6.93
N VAL D 119 -14.60 9.06 -8.12
CA VAL D 119 -13.28 8.58 -8.51
C VAL D 119 -13.06 9.34 -9.77
N ALA D 120 -11.87 9.90 -9.94
CA ALA D 120 -11.59 10.67 -11.15
C ALA D 120 -10.13 10.61 -11.59
N VAL D 121 -9.92 10.84 -12.88
CA VAL D 121 -8.59 10.89 -13.42
C VAL D 121 -8.47 12.33 -13.91
N GLU D 122 -7.53 13.07 -13.38
CA GLU D 122 -7.38 14.47 -13.76
C GLU D 122 -6.18 14.74 -14.63
N PHE D 123 -6.30 15.80 -15.44
CA PHE D 123 -5.25 16.27 -16.32
C PHE D 123 -5.22 17.72 -15.86
N ASP D 124 -4.43 17.93 -14.81
CA ASP D 124 -4.29 19.19 -14.12
C ASP D 124 -3.26 20.11 -14.77
N THR D 125 -3.68 21.35 -15.02
CA THR D 125 -2.83 22.34 -15.69
C THR D 125 -2.44 23.54 -14.81
N PHE D 126 -3.07 23.67 -13.64
CA PHE D 126 -2.77 24.77 -12.74
C PHE D 126 -2.34 24.22 -11.38
N ARG D 127 -1.20 24.74 -10.88
CA ARG D 127 -0.70 24.27 -9.61
C ARG D 127 -1.30 24.95 -8.39
N ASN D 128 -2.22 24.25 -7.72
CA ASN D 128 -2.84 24.79 -6.51
C ASN D 128 -1.91 24.47 -5.30
N THR D 129 -2.27 24.95 -4.12
CA THR D 129 -1.45 24.72 -2.94
C THR D 129 -1.18 23.24 -2.71
N TRP D 130 -2.17 22.40 -2.99
CA TRP D 130 -2.04 20.95 -2.76
C TRP D 130 -1.42 20.18 -3.92
N ASP D 131 -1.04 20.89 -4.98
CA ASP D 131 -0.49 20.25 -6.16
C ASP D 131 1.02 20.17 -6.34
N PRO D 132 1.46 19.12 -7.05
CA PRO D 132 2.88 18.94 -7.35
C PRO D 132 3.03 19.72 -8.69
N GLN D 133 4.21 19.72 -9.27
CA GLN D 133 4.44 20.43 -10.53
C GLN D 133 3.37 20.09 -11.59
N ILE D 134 3.01 21.06 -12.43
CA ILE D 134 2.02 20.83 -13.49
C ILE D 134 2.67 20.99 -14.86
N PRO D 135 2.07 20.40 -15.90
CA PRO D 135 0.84 19.62 -15.80
C PRO D 135 1.12 18.24 -15.26
N HIS D 136 0.09 17.59 -14.71
CA HIS D 136 0.26 16.23 -14.22
C HIS D 136 -1.03 15.40 -14.39
N ILE D 137 -0.87 14.09 -14.46
CA ILE D 137 -2.00 13.20 -14.50
C ILE D 137 -2.13 12.86 -13.04
N GLY D 138 -3.37 12.70 -12.56
CA GLY D 138 -3.56 12.35 -11.17
C GLY D 138 -4.74 11.45 -11.01
N ILE D 139 -4.70 10.60 -9.99
CA ILE D 139 -5.82 9.71 -9.71
C ILE D 139 -6.42 10.25 -8.44
N ASP D 140 -7.69 10.65 -8.50
CA ASP D 140 -8.39 11.24 -7.36
C ASP D 140 -9.49 10.36 -6.80
N VAL D 141 -9.56 10.24 -5.49
CA VAL D 141 -10.60 9.45 -4.85
C VAL D 141 -11.20 10.34 -3.76
N ASN D 142 -12.43 10.79 -3.99
CA ASN D 142 -13.16 11.63 -3.05
C ASN D 142 -12.55 12.99 -2.77
N SER D 143 -11.49 13.35 -3.45
CA SER D 143 -10.89 14.66 -3.25
C SER D 143 -9.96 14.92 -4.41
N VAL D 144 -9.55 16.19 -4.57
CA VAL D 144 -8.64 16.49 -5.65
C VAL D 144 -7.20 16.45 -5.21
N ILE D 145 -6.96 15.91 -4.03
CA ILE D 145 -5.57 15.76 -3.55
C ILE D 145 -5.25 14.31 -3.94
N SER D 146 -4.70 14.17 -5.14
CA SER D 146 -4.38 12.88 -5.76
C SER D 146 -3.64 11.85 -4.94
N THR D 147 -4.04 10.60 -5.06
CA THR D 147 -3.37 9.54 -4.35
C THR D 147 -2.05 9.31 -5.08
N LYS D 148 -2.08 9.46 -6.39
CA LYS D 148 -0.88 9.27 -7.20
C LYS D 148 -0.84 10.34 -8.30
N THR D 149 0.36 10.76 -8.67
CA THR D 149 0.48 11.75 -9.75
C THR D 149 1.71 11.48 -10.60
N VAL D 150 1.65 11.95 -11.83
CA VAL D 150 2.74 11.80 -12.77
C VAL D 150 2.74 13.03 -13.68
N PRO D 151 3.91 13.63 -13.90
CA PRO D 151 3.98 14.81 -14.76
C PRO D 151 3.99 14.50 -16.24
N PHE D 152 3.55 15.45 -17.05
CA PHE D 152 3.56 15.27 -18.48
C PHE D 152 3.72 16.61 -19.16
N THR D 153 4.21 16.59 -20.39
CA THR D 153 4.38 17.81 -21.18
C THR D 153 3.25 17.84 -22.19
N LEU D 154 2.43 18.89 -22.11
CA LEU D 154 1.29 19.08 -22.99
C LEU D 154 1.64 19.42 -24.44
N ASP D 155 0.90 18.85 -25.37
CA ASP D 155 1.12 19.18 -26.78
C ASP D 155 0.07 20.27 -26.98
N ASN D 156 0.50 21.53 -26.82
CA ASN D 156 -0.41 22.67 -26.93
C ASN D 156 -1.30 22.66 -28.17
N GLY D 157 -2.60 22.49 -27.95
CA GLY D 157 -3.53 22.45 -29.06
C GLY D 157 -3.52 21.16 -29.86
N GLY D 158 -2.64 20.22 -29.47
CA GLY D 158 -2.57 18.93 -30.17
C GLY D 158 -3.62 17.95 -29.68
N ILE D 159 -3.64 16.77 -30.27
CA ILE D 159 -4.60 15.74 -29.88
C ILE D 159 -3.94 14.77 -28.90
N ALA D 160 -4.69 14.37 -27.88
CA ALA D 160 -4.20 13.45 -26.85
C ALA D 160 -5.08 12.22 -26.79
N ASN D 161 -4.49 11.03 -26.76
CA ASN D 161 -5.29 9.81 -26.66
C ASN D 161 -5.12 9.27 -25.25
N VAL D 162 -6.22 8.94 -24.62
CA VAL D 162 -6.19 8.41 -23.28
C VAL D 162 -6.87 7.06 -23.23
N VAL D 163 -6.30 6.18 -22.43
CA VAL D 163 -6.84 4.84 -22.23
C VAL D 163 -6.94 4.63 -20.73
N ILE D 164 -8.15 4.41 -20.22
CA ILE D 164 -8.27 4.17 -18.80
C ILE D 164 -8.88 2.79 -18.67
N LYS D 165 -8.26 1.98 -17.84
CA LYS D 165 -8.70 0.61 -17.66
C LYS D 165 -8.77 0.24 -16.19
N TYR D 166 -9.82 -0.48 -15.83
CA TYR D 166 -10.00 -0.90 -14.46
C TYR D 166 -10.26 -2.41 -14.40
N ASP D 167 -9.42 -3.12 -13.67
CA ASP D 167 -9.58 -4.56 -13.54
C ASP D 167 -10.09 -4.89 -12.12
N ALA D 168 -11.33 -5.33 -12.02
CA ALA D 168 -11.91 -5.65 -10.73
C ALA D 168 -11.15 -6.74 -9.94
N SER D 169 -10.55 -7.71 -10.62
CA SER D 169 -9.87 -8.77 -9.91
C SER D 169 -8.62 -8.29 -9.18
N THR D 170 -7.99 -7.24 -9.66
CA THR D 170 -6.79 -6.77 -9.00
C THR D 170 -6.97 -5.38 -8.39
N LYS D 171 -8.09 -4.76 -8.71
CA LYS D 171 -8.40 -3.44 -8.23
C LYS D 171 -7.43 -2.40 -8.78
N ILE D 172 -6.77 -2.73 -9.88
CA ILE D 172 -5.85 -1.78 -10.49
C ILE D 172 -6.55 -0.86 -11.50
N LEU D 173 -6.32 0.43 -11.35
CA LEU D 173 -6.85 1.41 -12.28
C LEU D 173 -5.59 1.93 -12.99
N HIS D 174 -5.47 1.62 -14.29
CA HIS D 174 -4.32 2.11 -15.02
C HIS D 174 -4.73 3.04 -16.15
N VAL D 175 -4.04 4.18 -16.23
CA VAL D 175 -4.33 5.14 -17.26
C VAL D 175 -3.12 5.40 -18.13
N VAL D 176 -3.34 5.45 -19.44
CA VAL D 176 -2.27 5.72 -20.39
C VAL D 176 -2.62 6.99 -21.13
N LEU D 177 -1.63 7.88 -21.25
CA LEU D 177 -1.79 9.15 -21.96
C LEU D 177 -0.77 9.17 -23.10
N VAL D 178 -1.25 9.41 -24.33
CA VAL D 178 -0.37 9.44 -25.49
C VAL D 178 -0.62 10.67 -26.35
N PHE D 179 0.48 11.29 -26.78
CA PHE D 179 0.42 12.45 -27.69
C PHE D 179 1.02 11.95 -28.99
N PRO D 180 0.19 11.45 -29.92
CA PRO D 180 0.66 10.94 -31.22
C PRO D 180 1.63 11.84 -31.99
N SER D 181 1.35 13.14 -32.02
CA SER D 181 2.21 14.08 -32.74
C SER D 181 3.62 14.08 -32.18
N LEU D 182 3.74 13.96 -30.86
CA LEU D 182 5.08 13.99 -30.26
C LEU D 182 5.62 12.58 -29.97
N GLY D 183 4.74 11.60 -30.01
CA GLY D 183 5.16 10.24 -29.75
C GLY D 183 5.46 9.96 -28.28
N THR D 184 5.05 10.89 -27.39
CA THR D 184 5.28 10.72 -25.96
C THR D 184 4.21 9.84 -25.29
N ILE D 185 4.66 9.06 -24.30
CA ILE D 185 3.77 8.13 -23.60
C ILE D 185 3.94 8.29 -22.10
N TYR D 186 2.82 8.48 -21.41
CA TYR D 186 2.82 8.65 -19.96
C TYR D 186 1.88 7.62 -19.36
N THR D 187 2.30 7.03 -18.26
CA THR D 187 1.46 6.03 -17.62
C THR D 187 1.45 6.16 -16.11
N ILE D 188 0.30 5.82 -15.54
CA ILE D 188 0.16 5.89 -14.09
C ILE D 188 -0.90 4.88 -13.69
N ALA D 189 -0.74 4.29 -12.51
CA ALA D 189 -1.69 3.31 -12.04
C ALA D 189 -1.75 3.33 -10.52
N ASP D 190 -2.86 2.85 -9.97
CA ASP D 190 -2.99 2.78 -8.53
C ASP D 190 -4.08 1.79 -8.19
N ILE D 191 -4.17 1.40 -6.92
CA ILE D 191 -5.18 0.49 -6.47
C ILE D 191 -6.39 1.26 -5.94
N VAL D 192 -7.56 0.95 -6.47
CA VAL D 192 -8.77 1.63 -6.04
C VAL D 192 -9.88 0.61 -5.90
N ASP D 193 -10.53 0.60 -4.75
CA ASP D 193 -11.62 -0.34 -4.48
C ASP D 193 -12.93 0.39 -4.73
N LEU D 194 -13.45 0.28 -5.95
CA LEU D 194 -14.71 0.94 -6.32
C LEU D 194 -15.86 0.67 -5.37
N LYS D 195 -16.02 -0.60 -5.03
CA LYS D 195 -17.08 -1.05 -4.15
C LYS D 195 -17.07 -0.37 -2.79
N GLN D 196 -15.89 0.03 -2.36
CA GLN D 196 -15.71 0.68 -1.08
C GLN D 196 -16.00 2.19 -1.13
N VAL D 197 -15.95 2.80 -2.31
CA VAL D 197 -16.14 4.23 -2.36
C VAL D 197 -17.41 4.72 -3.03
N LEU D 198 -17.87 3.98 -4.03
CA LEU D 198 -19.05 4.38 -4.78
C LEU D 198 -20.23 3.45 -4.59
N PRO D 199 -21.43 3.95 -4.94
CA PRO D 199 -22.68 3.19 -4.84
C PRO D 199 -22.79 2.24 -6.03
N GLU D 200 -23.74 1.31 -6.03
CA GLU D 200 -23.88 0.36 -7.15
C GLU D 200 -24.08 1.03 -8.51
N SER D 201 -24.89 2.09 -8.54
CA SER D 201 -25.13 2.79 -9.79
C SER D 201 -24.46 4.15 -9.80
N VAL D 202 -23.85 4.50 -10.94
CA VAL D 202 -23.11 5.74 -11.05
C VAL D 202 -23.28 6.35 -12.42
N ASN D 203 -22.72 7.56 -12.56
CA ASN D 203 -22.70 8.28 -13.81
C ASN D 203 -21.23 8.38 -14.18
N VAL D 204 -20.92 8.40 -15.47
CA VAL D 204 -19.54 8.55 -15.90
C VAL D 204 -19.56 9.72 -16.84
N GLY D 205 -18.49 10.50 -16.83
CA GLY D 205 -18.43 11.64 -17.70
C GLY D 205 -17.19 12.51 -17.53
N PHE D 206 -17.25 13.74 -18.05
CA PHE D 206 -16.15 14.66 -17.98
C PHE D 206 -16.54 15.95 -17.30
N SER D 207 -15.55 16.68 -16.81
CA SER D 207 -15.80 17.96 -16.19
C SER D 207 -14.52 18.77 -16.33
N ALA D 208 -14.65 20.08 -16.48
CA ALA D 208 -13.51 20.94 -16.63
C ALA D 208 -13.81 22.34 -16.14
N ALA D 209 -12.77 23.15 -15.98
CA ALA D 209 -12.97 24.49 -15.49
C ALA D 209 -11.80 25.37 -15.87
N THR D 210 -12.05 26.67 -15.96
CA THR D 210 -11.00 27.61 -16.27
C THR D 210 -10.79 28.47 -15.03
N GLY D 211 -9.78 29.34 -15.05
CA GLY D 211 -9.48 30.18 -13.91
C GLY D 211 -10.65 30.78 -13.17
N ASP D 212 -10.61 30.70 -11.86
CA ASP D 212 -11.64 31.24 -10.97
C ASP D 212 -11.40 32.76 -10.81
N PRO D 213 -12.47 33.56 -10.80
CA PRO D 213 -12.40 35.03 -10.66
C PRO D 213 -11.50 35.49 -9.50
N SER D 214 -11.55 34.74 -8.40
CA SER D 214 -10.77 35.09 -7.23
C SER D 214 -9.27 35.21 -7.54
N GLY D 215 -8.82 34.59 -8.64
CA GLY D 215 -7.41 34.64 -9.03
C GLY D 215 -7.05 35.98 -9.66
N LYS D 216 -8.06 36.74 -10.06
CA LYS D 216 -7.85 38.06 -10.64
C LYS D 216 -7.05 38.05 -11.94
N GLN D 217 -7.12 36.94 -12.68
CA GLN D 217 -6.39 36.80 -13.93
C GLN D 217 -7.30 36.24 -15.03
N ARG D 218 -7.62 37.08 -16.01
CA ARG D 218 -8.48 36.64 -17.10
C ARG D 218 -7.74 35.73 -18.07
N ASN D 219 -6.42 35.69 -17.98
CA ASN D 219 -5.62 34.84 -18.86
C ASN D 219 -5.50 33.43 -18.32
N ALA D 220 -6.05 33.22 -17.13
CA ALA D 220 -6.01 31.90 -16.49
C ALA D 220 -7.05 31.03 -17.17
N THR D 221 -6.81 30.64 -18.41
CA THR D 221 -7.80 29.83 -19.11
C THR D 221 -7.18 29.04 -20.25
N GLU D 222 -7.99 28.21 -20.88
CA GLU D 222 -7.56 27.37 -21.99
C GLU D 222 -8.81 26.62 -22.44
N THR D 223 -8.72 25.89 -23.54
CA THR D 223 -9.85 25.09 -23.97
C THR D 223 -9.78 23.69 -23.32
N HIS D 224 -10.92 23.02 -23.29
CA HIS D 224 -11.01 21.67 -22.76
C HIS D 224 -11.95 20.90 -23.67
N ASP D 225 -11.46 20.48 -24.84
CA ASP D 225 -12.30 19.78 -25.80
C ASP D 225 -12.13 18.26 -25.84
N ILE D 226 -13.26 17.57 -25.93
CA ILE D 226 -13.30 16.10 -26.02
C ILE D 226 -13.66 15.80 -27.48
N LEU D 227 -12.79 15.08 -28.20
CA LEU D 227 -13.04 14.78 -29.60
C LEU D 227 -13.80 13.48 -29.86
N SER D 228 -13.60 12.47 -29.03
CA SER D 228 -14.31 11.19 -29.19
C SER D 228 -14.31 10.46 -27.87
N TRP D 229 -15.13 9.43 -27.74
CA TRP D 229 -15.19 8.72 -26.49
C TRP D 229 -15.93 7.42 -26.58
N SER D 230 -15.32 6.35 -26.07
CA SER D 230 -15.96 5.04 -26.06
C SER D 230 -15.83 4.48 -24.64
N PHE D 231 -16.82 3.69 -24.24
CA PHE D 231 -16.87 3.13 -22.91
C PHE D 231 -17.27 1.67 -22.97
N SER D 232 -16.86 0.88 -22.00
CA SER D 232 -17.19 -0.52 -22.00
C SER D 232 -17.04 -1.10 -20.60
N ALA D 233 -18.13 -1.60 -20.03
CA ALA D 233 -18.10 -2.18 -18.70
C ALA D 233 -18.67 -3.60 -18.67
N SER D 234 -18.13 -4.45 -17.83
CA SER D 234 -18.62 -5.84 -17.73
C SER D 234 -18.83 -6.24 -16.31
N LEU D 235 -20.08 -6.52 -15.99
CA LEU D 235 -20.47 -6.95 -14.65
C LEU D 235 -20.83 -8.44 -14.69
N PRO D 236 -19.91 -9.31 -14.26
CA PRO D 236 -20.22 -10.74 -14.27
C PRO D 236 -21.50 -11.03 -13.48
N GLY D 237 -22.59 -11.27 -14.21
CA GLY D 237 -23.88 -11.53 -13.57
C GLY D 237 -24.73 -10.27 -13.41
C1 GLA E . -25.92 18.90 30.39
C2 GLA E . -24.37 18.81 30.37
C3 GLA E . -23.90 17.53 29.63
C4 GLA E . -24.57 16.31 30.25
C5 GLA E . -26.10 16.47 30.24
C6 GLA E . -26.79 15.28 30.91
O1 GLA E . -26.41 19.08 29.11
O2 GLA E . -23.82 19.97 29.74
O3 GLA E . -22.45 17.33 29.65
O4 GLA E . -24.10 16.15 31.59
O5 GLA E . -26.50 17.69 30.94
O6 GLA E . -28.20 15.40 30.89
O5 A2G E . -21.10 18.27 31.39
C1 A2G E . -21.53 18.36 30.01
C2 A2G E . -20.29 18.31 29.05
N2 A2G E . -20.71 18.35 27.66
C3 A2G E . -19.49 17.01 29.38
O3 A2G E . -18.36 16.86 28.53
C4 A2G E . -19.08 16.99 30.87
O4 A2G E . -18.19 18.06 31.16
C5 A2G E . -20.34 17.09 31.75
C6 A2G E . -19.97 17.17 33.24
O6 A2G E . -21.12 17.25 34.08
C7 A2G E . -20.15 19.17 26.76
O7 A2G E . -19.21 19.94 27.00
C8 A2G E . -20.72 19.12 25.34
C1 NAG F . -18.78 15.06 45.45
C2 NAG F . -20.10 14.38 45.88
C3 NAG F . -20.20 14.30 47.40
C4 NAG F . -18.96 13.66 47.97
C5 NAG F . -17.73 14.43 47.50
C6 NAG F . -16.44 13.83 48.00
C7 NAG F . -22.04 14.51 44.46
C8 NAG F . -23.05 15.39 43.73
N2 NAG F . -21.24 15.10 45.34
O3 NAG F . -21.37 13.56 47.80
O4 NAG F . -19.05 13.69 49.41
O5 NAG F . -17.67 14.42 46.08
O6 NAG F . -16.35 12.46 47.64
O7 NAG F . -21.98 13.29 44.22
C1 FUC F . -22.43 14.34 48.26
C2 FUC F . -23.68 13.47 48.44
C3 FUC F . -23.50 12.49 49.63
C4 FUC F . -23.10 13.26 50.89
C5 FUC F . -21.87 14.13 50.60
C6 FUC F . -21.47 15.00 51.78
O2 FUC F . -23.92 12.75 47.24
O3 FUC F . -24.71 11.79 49.86
O4 FUC F . -24.19 14.08 51.30
O5 FUC F . -22.13 15.01 49.48
C1 NAG F . -18.58 12.58 50.10
C2 NAG F . -18.32 12.98 51.55
C3 NAG F . -17.96 11.75 52.40
C4 NAG F . -19.02 10.65 52.22
C5 NAG F . -19.23 10.37 50.72
C6 NAG F . -20.33 9.37 50.44
C7 NAG F . -17.48 15.20 51.84
C8 NAG F . -16.79 15.84 53.04
N2 NAG F . -17.23 13.92 51.61
O3 NAG F . -17.91 12.14 53.76
O4 NAG F . -18.59 9.45 52.88
O5 NAG F . -19.60 11.59 50.03
O6 NAG F . -20.69 9.38 49.07
O7 NAG F . -18.25 15.87 51.15
C1 NAG G . -14.88 28.95 34.27
C2 NAG G . -15.82 29.92 34.95
C3 NAG G . -15.90 31.18 34.11
C4 NAG G . -14.49 31.78 33.98
C5 NAG G . -13.55 30.73 33.39
C6 NAG G . -12.10 31.17 33.34
C7 NAG G . -17.75 29.37 36.28
C8 NAG G . -19.19 29.84 36.27
N2 NAG G . -17.14 29.33 35.10
O3 NAG G . -16.87 32.11 34.68
O4 NAG G . -14.52 32.95 33.14
O5 NAG G . -13.58 29.54 34.19
O6 NAG G . -11.22 30.05 33.35
O7 NAG G . -17.21 29.06 37.34
C1 FUC G . -16.45 33.36 35.16
C2 FUC G . -17.58 34.39 35.02
C3 FUC G . -18.73 34.05 35.99
C4 FUC G . -18.20 33.91 37.43
C5 FUC G . -17.03 32.91 37.47
C6 FUC G . -16.37 32.83 38.83
O2 FUC G . -18.04 34.39 33.67
O3 FUC G . -19.72 35.09 35.94
O4 FUC G . -17.77 35.18 37.91
O5 FUC G . -16.01 33.30 36.52
C1 NAG G . -13.64 33.99 33.46
C2 NAG G . -13.96 35.21 32.57
C3 NAG G . -13.09 36.41 32.97
C4 NAG G . -13.23 36.69 34.47
C5 NAG G . -12.96 35.42 35.29
C6 NAG G . -13.22 35.61 36.77
C7 NAG G . -14.75 35.08 30.30
C8 NAG G . -14.82 36.45 29.63
N2 NAG G . -13.76 34.88 31.17
O3 NAG G . -13.50 37.55 32.22
O4 NAG G . -12.32 37.72 34.85
O5 NAG G . -13.83 34.34 34.85
O6 NAG G . -14.62 35.78 37.01
O7 NAG G . -15.59 34.21 30.01
C1 GLA H . 25.56 -21.51 6.29
C2 GLA H . 24.15 -21.64 6.94
C3 GLA H . 23.60 -20.33 7.52
C4 GLA H . 24.68 -19.46 8.18
C5 GLA H . 25.89 -19.34 7.28
C6 GLA H . 26.97 -18.51 7.95
O1 GLA H . 25.45 -20.94 5.03
O2 GLA H . 23.22 -22.08 5.96
O3 GLA H . 22.55 -20.56 8.51
O4 GLA H . 25.06 -20.02 9.43
O5 GLA H . 26.43 -20.68 7.07
O6 GLA H . 28.07 -18.26 7.09
O5 A2G H . 22.56 -22.21 10.19
C1 A2G H . 22.08 -21.83 8.88
C2 A2G H . 20.56 -21.76 8.92
N2 A2G H . 20.05 -21.42 7.61
C3 A2G H . 20.20 -20.66 9.96
O3 A2G H . 18.81 -20.38 9.97
C4 A2G H . 20.74 -21.03 11.36
O4 A2G H . 20.11 -22.21 11.86
C5 A2G H . 22.27 -21.26 11.26
C6 A2G H . 22.85 -21.82 12.54
O6 A2G H . 24.22 -21.44 12.72
C7 A2G H . 18.91 -21.95 7.15
O7 A2G H . 18.20 -22.70 7.82
C8 A2G H . 18.52 -21.58 5.73
C1 NAG I . 29.78 -21.62 22.80
C2 NAG I . 31.07 -20.88 22.41
C3 NAG I . 32.17 -21.17 23.43
C4 NAG I . 31.70 -20.85 24.85
C5 NAG I . 30.33 -21.52 25.14
C6 NAG I . 29.72 -21.07 26.45
C7 NAG I . 31.93 -20.35 20.22
C8 NAG I . 32.57 -20.87 18.97
N2 NAG I . 31.48 -21.26 21.07
O3 NAG I . 33.34 -20.38 23.14
O4 NAG I . 32.68 -21.30 25.82
O5 NAG I . 29.36 -21.19 24.09
O6 NAG I . 29.44 -19.68 26.42
O7 NAG I . 31.84 -19.13 20.42
C1 FUC I . 34.32 -20.96 22.31
C2 FUC I . 35.63 -20.17 22.43
C3 FUC I . 36.16 -20.30 23.86
C4 FUC I . 36.39 -21.78 24.16
C5 FUC I . 35.10 -22.59 23.94
C6 FUC I . 35.30 -24.09 24.05
O2 FUC I . 35.40 -18.80 22.12
O3 FUC I . 37.37 -19.57 23.99
O4 FUC I . 37.42 -22.27 23.31
O5 FUC I . 34.57 -22.34 22.61
C1 NAG I . 32.94 -20.40 26.86
C2 NAG I . 33.65 -21.11 28.03
C3 NAG I . 34.17 -20.11 29.08
C4 NAG I . 34.88 -18.91 28.43
C5 NAG I . 34.00 -18.32 27.32
C6 NAG I . 34.60 -17.14 26.61
C7 NAG I . 32.74 -23.29 28.39
C8 NAG I . 31.65 -24.15 29.02
N2 NAG I . 32.73 -22.01 28.68
O3 NAG I . 35.06 -20.77 29.97
O4 NAG I . 35.17 -17.92 29.43
O5 NAG I . 33.75 -19.33 26.33
O6 NAG I . 33.91 -16.86 25.40
O7 NAG I . 33.57 -23.80 27.63
C1 NAG J . 19.89 -33.72 13.74
C2 NAG J . 21.01 -34.77 13.76
C3 NAG J . 20.57 -36.02 12.98
C4 NAG J . 19.21 -36.55 13.49
C5 NAG J . 18.20 -35.38 13.49
C6 NAG J . 16.82 -35.74 14.03
C7 NAG J . 23.23 -33.83 13.91
C8 NAG J . 24.28 -32.96 13.25
N2 NAG J . 22.21 -34.23 13.15
O3 NAG J . 21.58 -37.05 13.12
O4 NAG J . 18.72 -37.59 12.61
O5 NAG J . 18.69 -34.27 14.27
O6 NAG J . 15.82 -34.93 13.45
O7 NAG J . 23.35 -34.12 15.09
C1 FUC J . 22.52 -37.07 12.09
C2 FUC J . 23.74 -37.87 12.54
C3 FUC J . 23.41 -39.37 12.66
C4 FUC J . 22.79 -39.89 11.36
C5 FUC J . 21.59 -39.00 10.97
C6 FUC J . 20.98 -39.39 9.64
O2 FUC J . 24.17 -37.36 13.80
O3 FUC J . 24.57 -40.11 12.95
O4 FUC J . 23.76 -39.88 10.32
O5 FUC J . 22.00 -37.62 10.88
C1 NAG J . 19.03 -38.94 12.74
C2 NAG J . 19.14 -39.38 14.23
C3 NAG J . 19.26 -40.92 14.32
C4 NAG J . 18.14 -41.61 13.53
C5 NAG J . 18.16 -41.09 12.09
C6 NAG J . 17.08 -41.70 11.23
C7 NAG J . 20.97 -39.41 15.84
C8 NAG J . 22.36 -39.93 15.54
N2 NAG J . 20.30 -38.78 14.86
O3 NAG J . 19.20 -41.31 15.68
O4 NAG J . 18.34 -43.03 13.52
O5 NAG J . 17.98 -39.66 12.08
O6 NAG J . 16.05 -42.29 12.03
O7 NAG J . 20.47 -39.59 16.96
C1 GLA K . 5.10 -30.37 -31.61
C2 GLA K . 5.80 -29.10 -31.10
C3 GLA K . 4.81 -28.05 -30.54
C4 GLA K . 3.58 -27.90 -31.42
C5 GLA K . 2.96 -29.27 -31.67
C6 GLA K . 1.71 -29.15 -32.53
O1 GLA K . 4.77 -31.19 -30.54
O2 GLA K . 6.69 -29.47 -30.06
O3 GLA K . 5.41 -26.75 -30.38
O4 GLA K . 3.95 -27.29 -32.65
O5 GLA K . 3.92 -30.09 -32.37
O6 GLA K . 0.76 -30.13 -32.18
O5 A2G K . 6.99 -26.10 -32.00
C1 A2G K . 6.76 -26.54 -30.66
C2 A2G K . 7.30 -25.52 -29.65
N2 A2G K . 6.87 -25.92 -28.34
C3 A2G K . 6.73 -24.12 -29.96
O3 A2G K . 7.28 -23.17 -29.06
C4 A2G K . 7.02 -23.72 -31.42
O4 A2G K . 8.42 -23.61 -31.60
C5 A2G K . 6.44 -24.80 -32.34
C6 A2G K . 6.75 -24.55 -33.81
O6 A2G K . 6.25 -25.59 -34.65
C7 A2G K . 7.71 -25.86 -27.30
O7 A2G K . 8.86 -25.43 -27.39
C8 A2G K . 7.18 -26.40 -25.98
C1 NAG L . 6.64 -21.89 -46.06
C2 NAG L . 5.33 -22.37 -46.64
C3 NAG L . 5.32 -22.14 -48.16
C4 NAG L . 5.68 -20.70 -48.52
C5 NAG L . 6.94 -20.26 -47.78
C6 NAG L . 7.25 -18.79 -47.97
C7 NAG L . 4.35 -24.20 -45.41
C8 NAG L . 4.98 -25.02 -44.28
N2 NAG L . 5.16 -23.79 -46.37
O3 NAG L . 4.01 -22.46 -48.68
O4 NAG L . 5.92 -20.62 -49.94
O5 NAG L . 6.80 -20.50 -46.36
O6 NAG L . 6.11 -18.00 -47.68
O7 NAG L . 3.14 -23.95 -45.37
C1 NAG L . 5.22 -19.64 -50.63
C2 NAG L . 5.86 -19.39 -51.98
C3 NAG L . 5.08 -18.33 -52.72
C4 NAG L . 3.56 -18.67 -52.78
C5 NAG L . 3.03 -19.06 -51.38
C6 NAG L . 1.61 -19.59 -51.35
C7 NAG L . 8.24 -19.74 -52.14
C8 NAG L . 9.65 -19.17 -51.98
N2 NAG L . 7.22 -18.95 -51.81
O3 NAG L . 5.59 -18.21 -54.03
O4 NAG L . 2.80 -17.52 -53.27
O5 NAG L . 3.87 -20.09 -50.81
O6 NAG L . 1.13 -19.88 -52.67
O7 NAG L . 8.09 -20.88 -52.58
C1 BMA L . 3.15 -17.03 -54.53
C2 BMA L . 2.30 -17.67 -55.65
C3 BMA L . 1.18 -16.74 -56.10
C4 BMA L . 0.67 -15.96 -54.90
C5 BMA L . 1.76 -14.99 -54.42
C6 BMA L . 1.60 -14.50 -53.00
O2 BMA L . 1.74 -18.89 -55.18
O3 BMA L . 0.13 -17.50 -56.71
O4 BMA L . -0.50 -15.23 -55.25
O5 BMA L . 3.10 -15.58 -54.53
O6 BMA L . 1.24 -13.12 -52.99
C1 FUC L . 3.84 -23.82 -48.99
C2 FUC L . 2.39 -24.08 -49.39
C3 FUC L . 2.12 -23.44 -50.76
C4 FUC L . 3.14 -23.93 -51.78
C5 FUC L . 4.57 -23.64 -51.27
C6 FUC L . 5.65 -24.17 -52.18
O2 FUC L . 1.54 -23.50 -48.40
O3 FUC L . 0.80 -23.79 -51.19
O4 FUC L . 3.00 -25.33 -51.98
O5 FUC L . 4.75 -24.27 -50.00
C1 NAG M . 19.45 -26.25 -33.22
C2 NAG M . 20.04 -27.47 -33.96
C3 NAG M . 21.19 -28.15 -33.19
C4 NAG M . 22.15 -27.16 -32.52
C5 NAG M . 21.39 -26.02 -31.84
C6 NAG M . 22.33 -24.94 -31.34
C7 NAG M . 18.61 -28.78 -35.39
C8 NAG M . 17.75 -30.02 -35.51
N2 NAG M . 18.98 -28.44 -34.15
O3 NAG M . 21.95 -28.95 -34.12
O4 NAG M . 22.95 -27.86 -31.55
O5 NAG M . 20.50 -25.39 -32.75
O6 NAG M . 22.40 -24.92 -29.92
O7 NAG M . 18.95 -28.15 -36.37
C1 NAG M . 24.32 -27.62 -31.56
C2 NAG M . 24.98 -28.25 -30.33
C3 NAG M . 26.48 -27.98 -30.36
C4 NAG M . 27.09 -28.47 -31.68
C5 NAG M . 26.29 -27.89 -32.88
C6 NAG M . 26.73 -28.43 -34.23
C7 NAG M . 23.74 -28.44 -28.25
C8 NAG M . 22.27 -28.11 -28.01
N2 NAG M . 24.41 -27.67 -29.11
O3 NAG M . 27.12 -28.63 -29.28
O4 NAG M . 28.46 -28.07 -31.76
O5 NAG M . 24.89 -28.20 -32.74
O6 NAG M . 26.77 -27.40 -35.22
O7 NAG M . 24.26 -29.38 -27.66
C1 GLA N . -6.51 32.32 -3.98
C2 GLA N . -7.07 31.44 -5.13
C3 GLA N . -5.91 30.87 -5.96
C4 GLA N . -5.01 32.01 -6.47
C5 GLA N . -4.54 32.85 -5.29
C6 GLA N . -3.75 34.04 -5.81
O1 GLA N . -5.74 31.57 -3.11
O2 GLA N . -7.86 30.38 -4.59
O3 GLA N . -6.34 30.06 -7.08
O4 GLA N . -5.75 32.81 -7.38
O5 GLA N . -5.66 33.37 -4.51
O6 GLA N . -3.30 34.85 -4.74
O5 A2G N . -7.45 30.96 -9.00
C1 A2G N . -7.56 30.25 -7.73
C2 A2G N . -8.19 28.86 -7.95
N2 A2G N . -8.28 28.16 -6.68
C3 A2G N . -7.28 28.09 -8.97
O3 A2G N . -7.74 26.77 -9.21
C4 A2G N . -7.21 28.86 -10.30
O4 A2G N . -8.51 28.92 -10.90
C5 A2G N . -6.66 30.28 -10.05
C6 A2G N . -6.68 31.14 -11.34
O6 A2G N . -6.19 32.47 -11.12
C7 A2G N . -9.30 27.34 -6.37
O7 A2G N . -10.23 27.08 -7.16
C8 A2G N . -9.26 26.69 -4.99
C1 NAG O . -2.70 37.94 -21.39
C2 NAG O . -1.52 38.77 -20.83
C3 NAG O . -1.13 39.88 -21.81
C4 NAG O . -0.82 39.25 -23.17
C5 NAG O . -2.07 38.52 -23.65
C6 NAG O . -1.90 37.85 -25.00
C7 NAG O . -1.09 39.16 -18.49
C8 NAG O . -1.75 39.27 -17.12
N2 NAG O . -1.88 39.34 -19.55
O3 NAG O . 0.00 40.61 -21.31
O4 NAG O . -0.41 40.27 -24.13
O5 NAG O . -2.40 37.46 -22.71
O6 NAG O . -0.87 36.87 -24.97
O7 NAG O . 0.10 38.90 -18.59
C1 FUC O . -0.29 41.80 -20.63
C2 FUC O . 1.00 42.51 -20.21
C3 FUC O . 1.73 43.09 -21.44
C4 FUC O . 0.77 43.98 -22.27
C5 FUC O . -0.51 43.18 -22.61
C6 FUC O . -1.57 43.99 -23.34
O2 FUC O . 1.85 41.62 -19.51
O3 FUC O . 2.86 43.85 -21.03
O4 FUC O . 0.43 45.15 -21.51
O5 FUC O . -1.12 42.68 -21.39
C1 NAG O . 0.61 39.89 -25.00
C2 NAG O . 0.74 40.90 -26.16
C3 NAG O . 1.97 40.58 -27.03
C4 NAG O . 3.22 40.44 -26.16
C5 NAG O . 2.96 39.40 -25.07
C6 NAG O . 4.16 39.18 -24.15
C7 NAG O . -1.57 41.47 -26.59
C8 NAG O . -2.87 40.74 -26.83
N2 NAG O . -0.45 40.87 -26.99
O3 NAG O . 2.18 41.60 -27.99
O4 NAG O . 4.32 40.06 -26.98
O5 NAG O . 1.84 39.83 -24.26
O6 NAG O . 4.03 39.89 -22.93
O7 NAG O . -1.57 42.57 -26.03
C1 NAG P . -18.74 33.88 -12.61
C2 NAG P . -19.41 35.25 -12.67
C3 NAG P . -20.68 35.36 -11.77
C4 NAG P . -21.55 34.10 -11.83
C5 NAG P . -20.69 32.83 -11.75
C6 NAG P . -21.47 31.54 -11.88
C7 NAG P . -17.72 36.88 -13.20
C8 NAG P . -17.97 36.61 -14.69
N2 NAG P . -18.46 36.25 -12.28
O3 NAG P . -21.50 36.47 -12.25
O4 NAG P . -22.50 34.11 -10.75
O5 NAG P . -19.70 32.85 -12.80
O6 NAG P . -21.74 31.23 -13.23
O7 NAG P . -16.82 37.66 -12.87
C1 FUC P . -21.60 37.69 -11.53
C2 FUC P . -22.95 37.78 -10.79
C3 FUC P . -22.91 36.90 -9.53
C4 FUC P . -21.73 37.31 -8.65
C5 FUC P . -20.44 37.17 -9.46
C6 FUC P . -19.22 37.66 -8.68
O2 FUC P . -24.02 37.38 -11.63
O3 FUC P . -24.13 37.04 -8.81
O4 FUC P . -21.90 38.67 -8.25
O5 FUC P . -20.50 37.97 -10.67
C1 NAG P . -23.77 33.64 -11.06
C2 NAG P . -24.43 33.07 -9.80
C3 NAG P . -25.86 32.65 -10.11
C4 NAG P . -26.64 33.83 -10.71
C5 NAG P . -25.88 34.37 -11.94
C6 NAG P . -26.53 35.61 -12.54
C7 NAG P . -22.90 32.02 -8.26
C8 NAG P . -21.41 32.18 -8.49
N2 NAG P . -23.68 31.93 -9.33
O3 NAG P . -26.48 32.23 -8.90
O4 NAG P . -27.95 33.41 -11.10
O5 NAG P . -24.53 34.74 -11.57
O6 NAG P . -27.42 36.24 -11.60
O7 NAG P . -23.34 31.99 -7.11
MN MN Q . -15.27 9.70 22.99
CA CA R . -16.59 12.16 26.21
MN MN S . 13.10 -12.50 9.75
CA CA T . 16.02 -15.45 10.64
MN MN U . 2.05 -16.74 -23.77
CA CA V . 3.71 -19.29 -26.64
MN MN W . -3.63 17.97 -9.06
CA CA X . -4.80 22.01 -9.88
#